data_8VOX
#
_entry.id   8VOX
#
_cell.length_a   1.00
_cell.length_b   1.00
_cell.length_c   1.00
_cell.angle_alpha   90.00
_cell.angle_beta   90.00
_cell.angle_gamma   90.00
#
_symmetry.space_group_name_H-M   'P 1'
#
loop_
_entity.id
_entity.type
_entity.pdbx_description
1 polymer 'ABC-type bacteriocin transporter'
2 non-polymer "ADENOSINE-5'-DIPHOSPHATE"
3 non-polymer 'MAGNESIUM ION'
#
_entity_poly.entity_id   1
_entity_poly.type   'polypeptide(L)'
_entity_poly.pdbx_seq_one_letter_code
;MGHHHHHHHHHHSSGHIDDDDKHMTQNMMVKFAGFLKPLKKTVLAIFLASLLYTALGIAGSFYIKFLFDDLIKFEKLNDL
HIISAGFAVIFLLQIFLNYYRSILVTKLGMSIDKSIMMEYYSHVLKLPMNFFNSRKVGEIISRFMDASKIRQAISGATLT
IMIDTIMAVIGGILLYIQNSSLFFISFIIILLYGIIVTVFNKPIQNANRQIMEDNAKLTSALVESVKGIETIKSFGAEEQ
TEKSTRDKIETVMKSSFKEGMLYINLSSLTGIVAGLGGIVILWAGAYNVIKGNMSGGQLLAFNALLAYFLTPVKNLIDLQ
PLIQTAVVASNRLGEILELATEKELREDSDDFVISLKGDIEFRNVDFRYGLRKPVLKNINLTIPKGKTVAIVGESGSGKT
TLAKLLMNFYSPEKGDILINGHSIKNISLELIRKKIAFVSQDVFIFSGTVKENLALGNENVDMDEIIKAAKMANAHDFIE
KLPLKYDTFLNESGANLSEGQKQRLAIARALLKKPDILILDEATSNLDSITENHIKDAIYGLEDDVTVIIIAHRLSTIVN
LDKIYLLKDGEIVESGSHTELIALKGAYFKMWKQTENTLAS
;
_entity_poly.pdbx_strand_id   A,B
#
loop_
_chem_comp.id
_chem_comp.type
_chem_comp.name
_chem_comp.formula
ADP non-polymer ADENOSINE-5'-DIPHOSPHATE 'C10 H15 N5 O10 P2'
MG non-polymer 'MAGNESIUM ION' 'Mg 2'
#
# COMPACT_ATOMS: atom_id res chain seq x y z
N ASN A 27 -2.29 -26.60 -4.75
CA ASN A 27 -2.78 -25.79 -5.85
C ASN A 27 -1.73 -24.78 -6.30
N MET A 28 -1.19 -24.02 -5.34
CA MET A 28 -0.20 -23.01 -5.67
C MET A 28 1.06 -23.64 -6.27
N MET A 29 1.51 -24.75 -5.69
CA MET A 29 2.72 -25.41 -6.19
C MET A 29 2.54 -25.87 -7.64
N VAL A 30 1.31 -26.19 -8.03
CA VAL A 30 1.06 -26.56 -9.42
C VAL A 30 1.27 -25.36 -10.34
N LYS A 31 0.88 -24.17 -9.89
CA LYS A 31 1.11 -22.97 -10.68
C LYS A 31 2.59 -22.72 -10.89
N PHE A 32 3.41 -22.93 -9.85
CA PHE A 32 4.85 -22.77 -10.01
C PHE A 32 5.39 -23.75 -11.05
N ALA A 33 4.97 -25.02 -10.98
CA ALA A 33 5.46 -26.03 -11.90
C ALA A 33 5.07 -25.71 -13.33
N GLY A 34 3.86 -25.20 -13.53
CA GLY A 34 3.40 -24.88 -14.88
C GLY A 34 4.17 -23.77 -15.55
N PHE A 35 4.84 -22.91 -14.78
CA PHE A 35 5.60 -21.81 -15.36
C PHE A 35 7.02 -22.19 -15.73
N LEU A 36 7.51 -23.34 -15.29
CA LEU A 36 8.82 -23.83 -15.70
C LEU A 36 8.78 -24.76 -16.91
N LYS A 37 7.59 -25.12 -17.39
CA LYS A 37 7.50 -25.99 -18.56
C LYS A 37 8.19 -25.40 -19.78
N PRO A 38 7.98 -24.14 -20.17
CA PRO A 38 8.70 -23.60 -21.33
C PRO A 38 10.21 -23.56 -21.16
N LEU A 39 10.70 -23.30 -19.95
CA LEU A 39 12.13 -23.10 -19.72
C LEU A 39 12.82 -24.40 -19.34
N LYS A 40 12.69 -25.39 -20.23
CA LYS A 40 13.35 -26.67 -20.01
C LYS A 40 14.86 -26.54 -20.10
N LYS A 41 15.35 -25.81 -21.10
CA LYS A 41 16.79 -25.73 -21.32
C LYS A 41 17.49 -24.95 -20.21
N THR A 42 16.85 -23.90 -19.71
CA THR A 42 17.48 -23.08 -18.67
C THR A 42 17.74 -23.88 -17.40
N VAL A 43 16.76 -24.69 -16.99
CA VAL A 43 16.92 -25.47 -15.76
C VAL A 43 18.07 -26.47 -15.90
N LEU A 44 18.14 -27.14 -17.05
CA LEU A 44 19.22 -28.10 -17.27
C LEU A 44 20.59 -27.44 -17.12
N ALA A 45 20.74 -26.22 -17.64
CA ALA A 45 22.00 -25.51 -17.50
C ALA A 45 22.30 -25.23 -16.04
N ILE A 46 21.30 -24.82 -15.27
CA ILE A 46 21.51 -24.55 -13.85
C ILE A 46 21.93 -25.82 -13.13
N PHE A 47 21.28 -26.93 -13.43
CA PHE A 47 21.61 -28.19 -12.76
C PHE A 47 23.02 -28.64 -13.09
N LEU A 48 23.39 -28.59 -14.37
CA LEU A 48 24.73 -29.03 -14.76
C LEU A 48 25.82 -28.10 -14.23
N ALA A 49 25.59 -26.79 -14.31
CA ALA A 49 26.54 -25.84 -13.74
C ALA A 49 26.65 -26.01 -12.24
N SER A 50 25.52 -26.24 -11.57
CA SER A 50 25.53 -26.48 -10.14
C SER A 50 26.30 -27.74 -9.79
N LEU A 51 26.13 -28.79 -10.60
CA LEU A 51 26.80 -30.06 -10.32
C LEU A 51 28.31 -29.90 -10.33
N LEU A 52 28.84 -29.17 -11.32
CA LEU A 52 30.28 -28.94 -11.35
C LEU A 52 30.72 -28.00 -10.24
N TYR A 53 29.82 -27.14 -9.75
CA TYR A 53 30.19 -26.24 -8.67
C TYR A 53 30.58 -27.01 -7.42
N THR A 54 29.76 -27.98 -7.02
CA THR A 54 30.05 -28.74 -5.81
C THR A 54 31.28 -29.62 -6.01
N ALA A 55 31.43 -30.21 -7.20
CA ALA A 55 32.61 -31.03 -7.47
C ALA A 55 33.88 -30.21 -7.39
N LEU A 56 33.85 -28.98 -7.90
CA LEU A 56 35.01 -28.11 -7.80
C LEU A 56 35.24 -27.67 -6.37
N GLY A 57 34.16 -27.47 -5.60
CA GLY A 57 34.29 -27.01 -4.23
C GLY A 57 34.77 -28.05 -3.26
N ILE A 58 34.54 -29.33 -3.54
CA ILE A 58 35.02 -30.38 -2.65
C ILE A 58 36.54 -30.39 -2.57
N ALA A 59 37.23 -29.94 -3.60
CA ALA A 59 38.69 -30.04 -3.66
C ALA A 59 39.37 -29.28 -2.53
N GLY A 60 38.71 -28.31 -1.89
CA GLY A 60 39.34 -27.61 -0.78
C GLY A 60 39.66 -28.53 0.39
N SER A 61 38.76 -29.48 0.65
CA SER A 61 39.03 -30.45 1.71
C SER A 61 40.29 -31.26 1.38
N PHE A 62 40.41 -31.72 0.13
CA PHE A 62 41.61 -32.42 -0.26
C PHE A 62 42.83 -31.52 -0.16
N TYR A 63 42.65 -30.21 -0.35
CA TYR A 63 43.77 -29.29 -0.24
C TYR A 63 44.28 -29.24 1.20
N ILE A 64 43.38 -29.09 2.16
CA ILE A 64 43.84 -29.06 3.55
C ILE A 64 44.43 -30.40 3.96
N LYS A 65 43.87 -31.50 3.43
CA LYS A 65 44.45 -32.81 3.66
C LYS A 65 45.89 -32.87 3.18
N PHE A 66 46.12 -32.45 1.93
CA PHE A 66 47.48 -32.48 1.39
C PHE A 66 48.40 -31.54 2.15
N LEU A 67 47.86 -30.43 2.65
CA LEU A 67 48.68 -29.49 3.40
C LEU A 67 49.18 -30.10 4.70
N PHE A 68 48.27 -30.68 5.49
CA PHE A 68 48.66 -31.21 6.79
C PHE A 68 49.02 -32.69 6.79
N ASP A 69 49.11 -33.32 5.63
CA ASP A 69 49.49 -34.73 5.57
C ASP A 69 50.81 -34.98 4.87
N ASP A 70 51.11 -34.24 3.79
CA ASP A 70 52.33 -34.46 3.03
C ASP A 70 53.28 -33.28 3.06
N LEU A 71 52.82 -32.09 2.69
CA LEU A 71 53.72 -30.97 2.51
C LEU A 71 54.38 -30.54 3.82
N ILE A 72 53.57 -30.38 4.88
CA ILE A 72 54.13 -29.91 6.15
C ILE A 72 55.05 -30.97 6.74
N LYS A 73 54.66 -32.24 6.68
CA LYS A 73 55.44 -33.29 7.30
C LYS A 73 56.82 -33.42 6.66
N PHE A 74 56.87 -33.45 5.33
CA PHE A 74 58.11 -33.69 4.61
C PHE A 74 58.83 -32.42 4.20
N GLU A 75 58.25 -31.25 4.46
CA GLU A 75 58.89 -29.96 4.18
C GLU A 75 59.24 -29.82 2.69
N LYS A 76 58.20 -29.85 1.87
CA LYS A 76 58.33 -29.61 0.43
C LYS A 76 57.83 -28.20 0.12
N LEU A 77 58.67 -27.41 -0.53
CA LEU A 77 58.35 -26.01 -0.80
C LEU A 77 57.82 -25.78 -2.22
N ASN A 78 58.54 -26.27 -3.23
CA ASN A 78 58.07 -26.12 -4.61
C ASN A 78 56.73 -26.82 -4.79
N ASP A 79 56.59 -28.02 -4.23
CA ASP A 79 55.32 -28.71 -4.28
C ASP A 79 54.24 -27.90 -3.57
N LEU A 80 54.58 -27.28 -2.45
CA LEU A 80 53.63 -26.42 -1.74
C LEU A 80 53.14 -25.31 -2.64
N HIS A 81 54.06 -24.60 -3.29
CA HIS A 81 53.66 -23.49 -4.16
C HIS A 81 52.79 -23.98 -5.30
N ILE A 82 53.20 -25.07 -5.95
CA ILE A 82 52.46 -25.56 -7.11
C ILE A 82 51.05 -25.98 -6.71
N ILE A 83 50.93 -26.72 -5.61
CA ILE A 83 49.62 -27.20 -5.17
C ILE A 83 48.73 -26.04 -4.74
N SER A 84 49.31 -25.05 -4.06
CA SER A 84 48.52 -23.88 -3.67
C SER A 84 48.00 -23.15 -4.88
N ALA A 85 48.84 -22.96 -5.90
CA ALA A 85 48.39 -22.32 -7.13
C ALA A 85 47.28 -23.12 -7.79
N GLY A 86 47.44 -24.44 -7.85
CA GLY A 86 46.41 -25.27 -8.46
C GLY A 86 45.08 -25.15 -7.76
N PHE A 87 45.10 -25.15 -6.42
CA PHE A 87 43.83 -25.07 -5.70
C PHE A 87 43.24 -23.67 -5.78
N ALA A 88 44.08 -22.64 -5.89
CA ALA A 88 43.54 -21.31 -6.15
C ALA A 88 42.84 -21.25 -7.50
N VAL A 89 43.42 -21.89 -8.51
CA VAL A 89 42.78 -21.95 -9.82
C VAL A 89 41.45 -22.70 -9.73
N ILE A 90 41.43 -23.79 -8.96
CA ILE A 90 40.20 -24.55 -8.76
C ILE A 90 39.13 -23.66 -8.14
N PHE A 91 39.51 -22.89 -7.12
CA PHE A 91 38.55 -22.01 -6.47
C PHE A 91 38.05 -20.93 -7.43
N LEU A 92 38.93 -20.41 -8.27
CA LEU A 92 38.50 -19.40 -9.25
C LEU A 92 37.48 -19.98 -10.21
N LEU A 93 37.72 -21.21 -10.69
CA LEU A 93 36.74 -21.86 -11.55
C LEU A 93 35.41 -22.03 -10.83
N GLN A 94 35.47 -22.41 -9.56
CA GLN A 94 34.25 -22.57 -8.78
C GLN A 94 33.48 -21.26 -8.70
N ILE A 95 34.19 -20.16 -8.46
CA ILE A 95 33.52 -18.85 -8.37
C ILE A 95 32.89 -18.49 -9.70
N PHE A 96 33.59 -18.74 -10.81
CA PHE A 96 33.03 -18.41 -12.11
C PHE A 96 31.75 -19.20 -12.38
N LEU A 97 31.76 -20.49 -12.07
CA LEU A 97 30.56 -21.29 -12.25
C LEU A 97 29.43 -20.79 -11.36
N ASN A 98 29.74 -20.41 -10.13
CA ASN A 98 28.72 -19.87 -9.24
C ASN A 98 28.12 -18.59 -9.81
N TYR A 99 28.96 -17.73 -10.39
CA TYR A 99 28.48 -16.48 -10.96
C TYR A 99 27.54 -16.73 -12.13
N TYR A 100 27.93 -17.63 -13.03
CA TYR A 100 27.09 -17.93 -14.18
C TYR A 100 25.75 -18.53 -13.74
N ARG A 101 25.80 -19.48 -12.79
CA ARG A 101 24.58 -20.08 -12.29
C ARG A 101 23.70 -19.04 -11.61
N SER A 102 24.30 -18.11 -10.88
CA SER A 102 23.52 -17.07 -10.20
C SER A 102 22.82 -16.18 -11.21
N ILE A 103 23.49 -15.84 -12.32
CA ILE A 103 22.82 -15.05 -13.35
C ILE A 103 21.61 -15.80 -13.88
N LEU A 104 21.78 -17.09 -14.21
CA LEU A 104 20.65 -17.86 -14.74
C LEU A 104 19.50 -17.93 -13.73
N VAL A 105 19.83 -18.14 -12.45
CA VAL A 105 18.81 -18.26 -11.42
C VAL A 105 18.05 -16.95 -11.27
N THR A 106 18.76 -15.83 -11.30
CA THR A 106 18.09 -14.54 -11.19
C THR A 106 17.13 -14.32 -12.35
N LYS A 107 17.56 -14.65 -13.57
CA LYS A 107 16.66 -14.51 -14.71
C LYS A 107 15.40 -15.36 -14.55
N LEU A 108 15.57 -16.62 -14.16
CA LEU A 108 14.41 -17.49 -13.99
C LEU A 108 13.48 -16.98 -12.91
N GLY A 109 14.05 -16.52 -11.79
CA GLY A 109 13.21 -16.00 -10.72
C GLY A 109 12.43 -14.78 -11.13
N MET A 110 13.06 -13.88 -11.89
CA MET A 110 12.34 -12.71 -12.37
C MET A 110 11.18 -13.12 -13.26
N SER A 111 11.41 -14.08 -14.16
CA SER A 111 10.33 -14.49 -15.05
C SER A 111 9.16 -15.09 -14.27
N ILE A 112 9.45 -15.99 -13.32
CA ILE A 112 8.38 -16.62 -12.55
C ILE A 112 7.62 -15.58 -11.74
N ASP A 113 8.34 -14.66 -11.11
CA ASP A 113 7.73 -13.61 -10.32
C ASP A 113 6.78 -12.79 -11.18
N LYS A 114 7.23 -12.36 -12.36
CA LYS A 114 6.39 -11.54 -13.22
C LYS A 114 5.12 -12.28 -13.61
N SER A 115 5.27 -13.56 -13.99
CA SER A 115 4.10 -14.34 -14.39
C SER A 115 3.07 -14.40 -13.27
N ILE A 116 3.52 -14.75 -12.07
CA ILE A 116 2.60 -14.90 -10.94
C ILE A 116 1.90 -13.58 -10.66
N MET A 117 2.67 -12.50 -10.59
CA MET A 117 2.08 -11.24 -10.14
C MET A 117 1.10 -10.70 -11.16
N MET A 118 1.40 -10.82 -12.45
CA MET A 118 0.41 -10.41 -13.44
C MET A 118 -0.83 -11.29 -13.42
N GLU A 119 -0.68 -12.60 -13.21
CA GLU A 119 -1.86 -13.45 -13.13
C GLU A 119 -2.77 -12.98 -12.01
N TYR A 120 -2.19 -12.68 -10.85
CA TYR A 120 -3.00 -12.22 -9.73
C TYR A 120 -3.68 -10.88 -10.04
N TYR A 121 -2.94 -9.94 -10.65
CA TYR A 121 -3.55 -8.64 -10.93
C TYR A 121 -4.71 -8.76 -11.90
N SER A 122 -4.54 -9.56 -12.96
CA SER A 122 -5.65 -9.75 -13.89
C SER A 122 -6.85 -10.38 -13.21
N HIS A 123 -6.61 -11.41 -12.39
CA HIS A 123 -7.74 -12.08 -11.76
C HIS A 123 -8.48 -11.14 -10.83
N VAL A 124 -7.75 -10.33 -10.05
CA VAL A 124 -8.43 -9.42 -9.14
C VAL A 124 -9.19 -8.36 -9.92
N LEU A 125 -8.71 -8.01 -11.11
CA LEU A 125 -9.48 -7.09 -11.93
C LEU A 125 -10.74 -7.75 -12.49
N LYS A 126 -10.78 -9.07 -12.59
CA LYS A 126 -11.95 -9.76 -13.11
C LYS A 126 -12.96 -10.17 -12.04
N LEU A 127 -12.76 -9.79 -10.78
CA LEU A 127 -13.61 -10.28 -9.70
C LEU A 127 -14.99 -9.64 -9.74
N PRO A 128 -16.00 -10.29 -9.16
CA PRO A 128 -17.35 -9.73 -9.17
C PRO A 128 -17.44 -8.44 -8.37
N MET A 129 -18.59 -7.78 -8.49
CA MET A 129 -18.74 -6.45 -7.92
C MET A 129 -18.90 -6.50 -6.41
N ASN A 130 -19.62 -7.50 -5.90
CA ASN A 130 -19.86 -7.57 -4.46
C ASN A 130 -18.58 -7.80 -3.67
N PHE A 131 -17.53 -8.29 -4.32
CA PHE A 131 -16.25 -8.47 -3.64
C PHE A 131 -15.70 -7.13 -3.18
N PHE A 132 -15.78 -6.10 -4.03
CA PHE A 132 -15.22 -4.80 -3.68
C PHE A 132 -16.05 -4.07 -2.64
N ASN A 133 -17.33 -4.42 -2.49
CA ASN A 133 -18.15 -3.76 -1.48
C ASN A 133 -17.79 -4.23 -0.08
N SER A 134 -17.56 -5.53 0.10
CA SER A 134 -17.26 -6.07 1.42
C SER A 134 -15.87 -5.68 1.89
N ARG A 135 -14.87 -5.79 1.01
CA ARG A 135 -13.49 -5.55 1.38
C ARG A 135 -13.08 -4.14 1.03
N LYS A 136 -12.42 -3.47 1.98
CA LYS A 136 -11.91 -2.14 1.73
C LYS A 136 -10.71 -2.19 0.78
N VAL A 137 -10.37 -1.03 0.21
CA VAL A 137 -9.23 -0.95 -0.70
C VAL A 137 -7.93 -1.24 0.05
N GLY A 138 -7.89 -0.91 1.34
CA GLY A 138 -6.65 -1.08 2.09
C GLY A 138 -6.20 -2.53 2.14
N GLU A 139 -7.13 -3.44 2.43
CA GLU A 139 -6.77 -4.85 2.48
C GLU A 139 -6.29 -5.37 1.13
N ILE A 140 -6.96 -4.96 0.06
CA ILE A 140 -6.57 -5.43 -1.27
C ILE A 140 -5.18 -4.95 -1.62
N ILE A 141 -4.90 -3.67 -1.38
CA ILE A 141 -3.57 -3.14 -1.66
C ILE A 141 -2.52 -3.79 -0.76
N SER A 142 -2.90 -4.09 0.48
CA SER A 142 -1.97 -4.76 1.38
C SER A 142 -1.59 -6.13 0.86
N ARG A 143 -2.55 -6.89 0.36
CA ARG A 143 -2.21 -8.17 -0.25
C ARG A 143 -1.33 -7.99 -1.48
N PHE A 144 -1.68 -7.00 -2.31
CA PHE A 144 -0.87 -6.71 -3.49
C PHE A 144 0.59 -6.51 -3.12
N MET A 145 0.85 -5.66 -2.13
CA MET A 145 2.22 -5.30 -1.83
C MET A 145 2.88 -6.24 -0.82
N ASP A 146 2.12 -7.12 -0.19
CA ASP A 146 2.71 -8.23 0.55
C ASP A 146 3.10 -9.36 -0.38
N ALA A 147 2.63 -9.32 -1.63
CA ALA A 147 3.22 -10.19 -2.65
C ALA A 147 4.67 -9.83 -2.92
N SER A 148 5.14 -8.69 -2.43
CA SER A 148 6.56 -8.33 -2.55
C SER A 148 7.45 -9.28 -1.77
N LYS A 149 6.93 -9.90 -0.72
CA LYS A 149 7.74 -10.84 0.04
C LYS A 149 8.04 -12.09 -0.76
N ILE A 150 7.20 -12.46 -1.72
CA ILE A 150 7.54 -13.53 -2.65
C ILE A 150 8.73 -13.12 -3.50
N ARG A 151 8.77 -11.85 -3.92
CA ARG A 151 9.93 -11.36 -4.66
C ARG A 151 11.18 -11.43 -3.79
N GLN A 152 11.05 -11.03 -2.53
CA GLN A 152 12.17 -11.09 -1.60
C GLN A 152 12.60 -12.52 -1.30
N ALA A 153 11.70 -13.49 -1.47
CA ALA A 153 12.04 -14.87 -1.13
C ALA A 153 12.80 -15.56 -2.25
N ILE A 154 12.32 -15.44 -3.48
CA ILE A 154 13.03 -16.00 -4.62
C ILE A 154 14.36 -15.29 -4.77
N SER A 155 14.29 -13.99 -5.08
CA SER A 155 15.41 -13.04 -4.96
C SER A 155 16.76 -13.66 -5.33
N GLY A 156 16.79 -14.39 -6.44
CA GLY A 156 18.04 -14.90 -6.94
C GLY A 156 18.77 -15.84 -6.00
N ALA A 157 19.83 -15.32 -5.36
CA ALA A 157 20.77 -16.08 -4.54
C ALA A 157 20.11 -17.07 -3.58
N THR A 158 18.87 -16.79 -3.15
CA THR A 158 18.21 -17.69 -2.22
C THR A 158 18.01 -19.07 -2.83
N LEU A 159 17.62 -19.13 -4.11
CA LEU A 159 17.46 -20.43 -4.76
C LEU A 159 18.75 -21.21 -4.83
N THR A 160 19.89 -20.51 -4.91
CA THR A 160 21.17 -21.22 -4.92
C THR A 160 21.37 -22.01 -3.64
N ILE A 161 20.81 -21.53 -2.53
CA ILE A 161 20.95 -22.25 -1.27
C ILE A 161 20.16 -23.55 -1.29
N MET A 162 18.93 -23.51 -1.80
CA MET A 162 18.19 -24.75 -1.95
C MET A 162 18.86 -25.69 -2.94
N ILE A 163 19.43 -25.13 -4.00
CA ILE A 163 20.11 -25.95 -5.00
C ILE A 163 21.30 -26.67 -4.36
N ASP A 164 22.06 -25.96 -3.55
CA ASP A 164 23.17 -26.58 -2.84
C ASP A 164 22.67 -27.65 -1.87
N THR A 165 21.59 -27.35 -1.15
CA THR A 165 21.06 -28.29 -0.17
C THR A 165 20.63 -29.60 -0.83
N ILE A 166 19.94 -29.51 -1.97
CA ILE A 166 19.47 -30.73 -2.62
C ILE A 166 20.63 -31.50 -3.22
N MET A 167 21.75 -30.84 -3.50
CA MET A 167 22.93 -31.59 -3.91
C MET A 167 23.90 -31.85 -2.77
N ALA A 168 23.56 -31.46 -1.54
CA ALA A 168 24.42 -31.82 -0.43
C ALA A 168 24.50 -33.32 -0.23
N VAL A 169 23.61 -34.07 -0.88
CA VAL A 169 23.66 -35.52 -0.83
C VAL A 169 24.98 -36.03 -1.40
N ILE A 170 25.37 -35.51 -2.57
CA ILE A 170 26.56 -36.05 -3.24
C ILE A 170 27.81 -35.77 -2.41
N GLY A 171 27.85 -34.63 -1.72
CA GLY A 171 28.91 -34.41 -0.76
C GLY A 171 28.80 -35.37 0.41
N GLY A 172 27.58 -35.65 0.85
CA GLY A 172 27.39 -36.56 1.97
C GLY A 172 27.79 -37.99 1.65
N ILE A 173 27.56 -38.43 0.42
CA ILE A 173 27.79 -39.83 0.07
C ILE A 173 29.25 -40.20 0.29
N LEU A 174 30.18 -39.35 -0.17
CA LEU A 174 31.58 -39.65 0.03
C LEU A 174 32.00 -39.54 1.48
N LEU A 175 31.25 -38.81 2.30
CA LEU A 175 31.56 -38.74 3.72
C LEU A 175 31.47 -40.11 4.36
N TYR A 176 30.45 -40.89 4.00
CA TYR A 176 30.33 -42.25 4.51
C TYR A 176 31.50 -43.10 4.07
N ILE A 177 31.98 -42.88 2.85
CA ILE A 177 33.16 -43.61 2.38
C ILE A 177 34.39 -43.19 3.17
N GLN A 178 34.56 -41.90 3.40
CA GLN A 178 35.74 -41.41 4.11
C GLN A 178 35.76 -41.92 5.55
N ASN A 179 34.61 -41.88 6.23
CA ASN A 179 34.53 -42.36 7.60
C ASN A 179 33.09 -42.74 7.89
N SER A 180 32.89 -43.50 8.97
CA SER A 180 31.57 -43.96 9.36
C SER A 180 31.02 -43.23 10.57
N SER A 181 31.77 -43.20 11.67
CA SER A 181 31.26 -42.59 12.89
C SER A 181 30.99 -41.10 12.72
N LEU A 182 31.91 -40.39 12.07
CA LEU A 182 31.70 -38.97 11.85
C LEU A 182 30.50 -38.73 10.94
N PHE A 183 30.32 -39.58 9.93
CA PHE A 183 29.15 -39.44 9.07
C PHE A 183 27.87 -39.65 9.87
N PHE A 184 27.86 -40.63 10.77
CA PHE A 184 26.67 -40.85 11.60
C PHE A 184 26.40 -39.67 12.51
N ILE A 185 27.46 -39.06 13.05
CA ILE A 185 27.26 -37.89 13.90
C ILE A 185 26.68 -36.74 13.10
N SER A 186 27.18 -36.52 11.88
CA SER A 186 26.60 -35.48 11.03
C SER A 186 25.15 -35.80 10.69
N PHE A 187 24.83 -37.08 10.52
CA PHE A 187 23.44 -37.48 10.28
C PHE A 187 22.57 -37.10 11.48
N ILE A 188 23.06 -37.32 12.69
CA ILE A 188 22.33 -36.93 13.88
C ILE A 188 22.11 -35.42 13.89
N ILE A 189 23.14 -34.67 13.49
CA ILE A 189 23.01 -33.21 13.42
C ILE A 189 21.90 -32.82 12.45
N ILE A 190 21.87 -33.47 11.29
CA ILE A 190 20.85 -33.17 10.30
C ILE A 190 19.45 -33.49 10.84
N LEU A 191 19.33 -34.61 11.56
CA LEU A 191 18.04 -34.96 12.14
C LEU A 191 17.58 -33.90 13.14
N LEU A 192 18.50 -33.42 13.98
CA LEU A 192 18.13 -32.38 14.93
C LEU A 192 17.70 -31.11 14.21
N TYR A 193 18.42 -30.73 13.16
CA TYR A 193 17.96 -29.63 12.30
C TYR A 193 16.52 -29.84 11.85
N GLY A 194 16.21 -31.01 11.30
CA GLY A 194 14.88 -31.23 10.75
C GLY A 194 13.79 -31.14 11.81
N ILE A 195 14.04 -31.73 12.97
CA ILE A 195 13.07 -31.66 14.06
C ILE A 195 12.81 -30.21 14.44
N ILE A 196 13.88 -29.44 14.62
CA ILE A 196 13.73 -28.05 14.99
C ILE A 196 12.96 -27.29 13.91
N VAL A 197 13.25 -27.58 12.65
CA VAL A 197 12.61 -26.87 11.55
C VAL A 197 11.11 -27.07 11.58
N THR A 198 10.65 -28.30 11.75
CA THR A 198 9.20 -28.51 11.77
C THR A 198 8.55 -27.86 12.99
N VAL A 199 9.15 -28.10 14.16
CA VAL A 199 8.55 -27.66 15.41
C VAL A 199 8.39 -26.15 15.42
N PHE A 200 9.38 -25.43 14.90
CA PHE A 200 9.25 -23.99 14.78
C PHE A 200 8.58 -23.55 13.48
N ASN A 201 8.37 -24.48 12.55
CA ASN A 201 7.69 -24.14 11.30
C ASN A 201 6.26 -23.76 11.56
N LYS A 202 5.55 -24.57 12.34
CA LYS A 202 4.12 -24.28 12.52
C LYS A 202 3.86 -22.92 13.17
N PRO A 203 4.38 -22.60 14.36
CA PRO A 203 4.07 -21.30 14.97
C PRO A 203 4.58 -20.12 14.18
N ILE A 204 5.65 -20.29 13.39
CA ILE A 204 6.13 -19.19 12.56
C ILE A 204 5.07 -18.81 11.53
N GLN A 205 4.44 -19.82 10.91
CA GLN A 205 3.33 -19.53 9.99
C GLN A 205 2.20 -18.81 10.71
N ASN A 206 1.87 -19.27 11.92
CA ASN A 206 0.80 -18.60 12.66
C ASN A 206 1.12 -17.13 12.89
N ALA A 207 2.33 -16.85 13.37
CA ALA A 207 2.72 -15.48 13.69
C ALA A 207 2.78 -14.61 12.44
N ASN A 208 3.27 -15.17 11.34
CA ASN A 208 3.34 -14.39 10.11
C ASN A 208 1.96 -14.04 9.59
N ARG A 209 1.01 -14.98 9.68
CA ARG A 209 -0.36 -14.66 9.28
C ARG A 209 -0.92 -13.54 10.16
N GLN A 210 -0.67 -13.62 11.47
CA GLN A 210 -1.18 -12.59 12.37
C GLN A 210 -0.60 -11.22 12.03
N ILE A 211 0.71 -11.16 11.79
CA ILE A 211 1.34 -9.87 11.52
C ILE A 211 0.86 -9.30 10.18
N MET A 212 0.66 -10.16 9.18
CA MET A 212 0.16 -9.66 7.91
C MET A 212 -1.25 -9.09 8.05
N GLU A 213 -2.10 -9.78 8.83
CA GLU A 213 -3.45 -9.25 9.03
C GLU A 213 -3.42 -7.91 9.74
N ASP A 214 -2.59 -7.79 10.78
CA ASP A 214 -2.51 -6.52 11.50
C ASP A 214 -1.99 -5.40 10.61
N ASN A 215 -0.98 -5.70 9.79
CA ASN A 215 -0.44 -4.67 8.90
C ASN A 215 -1.46 -4.26 7.86
N ALA A 216 -2.27 -5.22 7.38
CA ALA A 216 -3.34 -4.87 6.45
C ALA A 216 -4.35 -3.93 7.10
N LYS A 217 -4.72 -4.20 8.35
CA LYS A 217 -5.62 -3.29 9.04
C LYS A 217 -5.01 -1.91 9.17
N LEU A 218 -3.72 -1.83 9.50
CA LEU A 218 -3.07 -0.54 9.66
C LEU A 218 -3.06 0.24 8.36
N THR A 219 -2.73 -0.42 7.25
CA THR A 219 -2.66 0.32 5.99
C THR A 219 -4.04 0.71 5.49
N SER A 220 -5.07 -0.11 5.76
CA SER A 220 -6.43 0.31 5.42
C SER A 220 -6.83 1.53 6.20
N ALA A 221 -6.49 1.57 7.50
CA ALA A 221 -6.78 2.75 8.30
C ALA A 221 -6.07 3.97 7.78
N LEU A 222 -4.80 3.81 7.37
CA LEU A 222 -4.05 4.94 6.82
C LEU A 222 -4.69 5.44 5.53
N VAL A 223 -5.10 4.54 4.65
CA VAL A 223 -5.74 4.94 3.41
C VAL A 223 -7.02 5.72 3.70
N GLU A 224 -7.84 5.20 4.63
CA GLU A 224 -9.08 5.87 4.97
C GLU A 224 -8.81 7.26 5.56
N SER A 225 -7.78 7.38 6.40
CA SER A 225 -7.44 8.67 6.97
C SER A 225 -7.00 9.66 5.90
N VAL A 226 -6.19 9.21 4.94
CA VAL A 226 -5.71 10.11 3.91
C VAL A 226 -6.84 10.56 3.00
N LYS A 227 -7.79 9.65 2.71
CA LYS A 227 -8.87 9.98 1.79
C LYS A 227 -9.73 11.11 2.33
N GLY A 228 -10.01 11.11 3.62
CA GLY A 228 -10.84 12.14 4.21
C GLY A 228 -10.05 13.18 4.97
N ILE A 229 -8.91 13.60 4.42
CA ILE A 229 -8.05 14.56 5.12
C ILE A 229 -8.76 15.90 5.26
N GLU A 230 -9.56 16.28 4.27
CA GLU A 230 -10.24 17.57 4.33
C GLU A 230 -11.18 17.65 5.53
N THR A 231 -12.00 16.62 5.72
CA THR A 231 -12.93 16.62 6.85
C THR A 231 -12.18 16.58 8.18
N ILE A 232 -11.12 15.78 8.25
CA ILE A 232 -10.34 15.69 9.47
C ILE A 232 -9.77 17.05 9.85
N LYS A 233 -9.21 17.75 8.87
CA LYS A 233 -8.70 19.10 9.13
C LYS A 233 -9.82 20.05 9.52
N SER A 234 -10.96 19.95 8.84
CA SER A 234 -12.06 20.89 9.12
C SER A 234 -12.56 20.75 10.54
N PHE A 235 -12.67 19.52 11.04
CA PHE A 235 -13.16 19.30 12.39
C PHE A 235 -12.04 19.21 13.41
N GLY A 236 -10.79 19.39 13.01
CA GLY A 236 -9.67 19.31 13.94
C GLY A 236 -9.51 17.95 14.58
N ALA A 237 -9.85 16.89 13.86
CA ALA A 237 -9.75 15.53 14.39
C ALA A 237 -8.42 14.90 14.05
N GLU A 238 -7.32 15.56 14.39
CA GLU A 238 -6.00 14.99 14.13
C GLU A 238 -5.60 14.03 15.23
N GLU A 239 -5.80 14.43 16.50
CA GLU A 239 -5.37 13.58 17.61
C GLU A 239 -6.13 12.26 17.63
N GLN A 240 -7.45 12.31 17.41
CA GLN A 240 -8.25 11.08 17.45
C GLN A 240 -7.80 10.10 16.38
N THR A 241 -7.60 10.59 15.16
CA THR A 241 -7.05 9.75 14.11
C THR A 241 -5.65 9.29 14.46
N GLU A 242 -4.84 10.19 15.03
CA GLU A 242 -3.50 9.83 15.45
C GLU A 242 -3.54 8.77 16.55
N LYS A 243 -4.46 8.90 17.50
CA LYS A 243 -4.57 7.91 18.56
C LYS A 243 -4.99 6.54 18.03
N SER A 244 -5.96 6.51 17.11
CA SER A 244 -6.37 5.24 16.54
C SER A 244 -5.23 4.59 15.76
N THR A 245 -4.50 5.39 14.98
CA THR A 245 -3.35 4.86 14.26
C THR A 245 -2.29 4.35 15.22
N ARG A 246 -2.10 5.05 16.35
CA ARG A 246 -1.15 4.59 17.35
C ARG A 246 -1.55 3.23 17.90
N ASP A 247 -2.84 3.05 18.19
CA ASP A 247 -3.29 1.74 18.69
C ASP A 247 -3.06 0.65 17.65
N LYS A 248 -3.36 0.93 16.38
CA LYS A 248 -3.14 -0.07 15.35
C LYS A 248 -1.66 -0.40 15.21
N ILE A 249 -0.79 0.61 15.29
CA ILE A 249 0.65 0.37 15.21
C ILE A 249 1.12 -0.46 16.39
N GLU A 250 0.59 -0.19 17.59
CA GLU A 250 0.97 -0.97 18.76
C GLU A 250 0.57 -2.42 18.59
N THR A 251 -0.63 -2.68 18.06
CA THR A 251 -1.02 -4.06 17.82
C THR A 251 -0.11 -4.74 16.81
N VAL A 252 0.20 -4.04 15.72
CA VAL A 252 1.09 -4.58 14.70
C VAL A 252 2.42 -4.96 15.32
N MET A 253 2.97 -4.08 16.16
CA MET A 253 4.31 -4.34 16.66
C MET A 253 4.31 -5.30 17.83
N LYS A 254 3.18 -5.49 18.53
CA LYS A 254 3.09 -6.62 19.45
C LYS A 254 3.18 -7.93 18.69
N SER A 255 2.46 -8.03 17.58
CA SER A 255 2.58 -9.24 16.75
C SER A 255 4.01 -9.41 16.26
N SER A 256 4.64 -8.31 15.82
CA SER A 256 6.01 -8.38 15.33
C SER A 256 6.97 -8.81 16.43
N PHE A 257 6.76 -8.34 17.66
CA PHE A 257 7.59 -8.74 18.78
C PHE A 257 7.46 -10.22 19.07
N LYS A 258 6.25 -10.74 19.02
CA LYS A 258 6.07 -12.18 19.18
C LYS A 258 6.84 -12.95 18.12
N GLU A 259 6.74 -12.50 16.86
CA GLU A 259 7.47 -13.15 15.78
C GLU A 259 8.97 -13.07 16.01
N GLY A 260 9.46 -11.93 16.51
CA GLY A 260 10.88 -11.78 16.76
C GLY A 260 11.39 -12.72 17.83
N MET A 261 10.65 -12.87 18.93
CA MET A 261 11.05 -13.82 19.95
C MET A 261 11.03 -15.25 19.41
N LEU A 262 10.05 -15.58 18.58
CA LEU A 262 10.05 -16.91 17.97
C LEU A 262 11.31 -17.13 17.15
N TYR A 263 11.70 -16.12 16.36
CA TYR A 263 12.90 -16.24 15.53
C TYR A 263 14.15 -16.36 16.40
N ILE A 264 14.22 -15.62 17.51
CA ILE A 264 15.36 -15.70 18.39
C ILE A 264 15.50 -17.09 18.97
N ASN A 265 14.39 -17.67 19.42
CA ASN A 265 14.44 -19.03 19.96
C ASN A 265 14.90 -20.02 18.90
N LEU A 266 14.37 -19.88 17.67
CA LEU A 266 14.79 -20.77 16.60
C LEU A 266 16.30 -20.66 16.35
N SER A 267 16.80 -19.44 16.25
CA SER A 267 18.22 -19.25 15.95
C SER A 267 19.10 -19.76 17.07
N SER A 268 18.67 -19.58 18.32
CA SER A 268 19.49 -20.06 19.44
C SER A 268 19.54 -21.58 19.46
N LEU A 269 18.41 -22.26 19.21
CA LEU A 269 18.45 -23.72 19.17
C LEU A 269 19.32 -24.21 18.03
N THR A 270 19.22 -23.57 16.86
CA THR A 270 20.06 -23.96 15.74
C THR A 270 21.53 -23.73 16.05
N GLY A 271 21.86 -22.63 16.72
CA GLY A 271 23.24 -22.40 17.11
C GLY A 271 23.77 -23.44 18.07
N ILE A 272 22.96 -23.80 19.08
CA ILE A 272 23.33 -24.88 20.00
C ILE A 272 23.68 -26.12 19.22
N VAL A 273 22.76 -26.58 18.37
CA VAL A 273 22.98 -27.87 17.72
C VAL A 273 24.18 -27.80 16.78
N ALA A 274 24.33 -26.69 16.05
CA ALA A 274 25.46 -26.58 15.12
C ALA A 274 26.80 -26.58 15.85
N GLY A 275 26.93 -25.76 16.89
CA GLY A 275 28.19 -25.69 17.60
C GLY A 275 28.54 -26.98 18.32
N LEU A 276 27.57 -27.60 19.00
CA LEU A 276 27.84 -28.88 19.63
C LEU A 276 28.17 -29.94 18.59
N GLY A 277 27.55 -29.86 17.42
CA GLY A 277 27.91 -30.78 16.36
C GLY A 277 29.35 -30.62 15.92
N GLY A 278 29.79 -29.38 15.73
CA GLY A 278 31.17 -29.16 15.35
C GLY A 278 32.16 -29.66 16.39
N ILE A 279 31.89 -29.35 17.66
CA ILE A 279 32.80 -29.76 18.72
C ILE A 279 32.81 -31.28 18.85
N VAL A 280 31.66 -31.93 18.67
CA VAL A 280 31.61 -33.37 18.76
C VAL A 280 32.33 -34.00 17.57
N ILE A 281 32.23 -33.40 16.38
CA ILE A 281 33.02 -33.86 15.25
C ILE A 281 34.50 -33.84 15.59
N LEU A 282 34.96 -32.73 16.17
CA LEU A 282 36.38 -32.64 16.54
C LEU A 282 36.74 -33.68 17.57
N TRP A 283 35.88 -33.89 18.58
CA TRP A 283 36.17 -34.85 19.64
C TRP A 283 36.27 -36.27 19.08
N ALA A 284 35.30 -36.67 18.28
CA ALA A 284 35.31 -38.02 17.73
C ALA A 284 36.46 -38.22 16.76
N GLY A 285 36.76 -37.20 15.95
CA GLY A 285 37.90 -37.31 15.06
C GLY A 285 39.21 -37.44 15.81
N ALA A 286 39.37 -36.69 16.89
CA ALA A 286 40.57 -36.82 17.71
C ALA A 286 40.66 -38.21 18.31
N TYR A 287 39.55 -38.74 18.81
CA TYR A 287 39.57 -40.09 19.37
C TYR A 287 39.95 -41.11 18.32
N ASN A 288 39.43 -40.96 17.11
CA ASN A 288 39.81 -41.88 16.02
C ASN A 288 41.28 -41.75 15.68
N VAL A 289 41.80 -40.52 15.65
CA VAL A 289 43.21 -40.32 15.33
C VAL A 289 44.10 -40.97 16.37
N ILE A 290 43.75 -40.82 17.65
CA ILE A 290 44.54 -41.45 18.71
C ILE A 290 44.54 -42.95 18.54
N LYS A 291 43.37 -43.53 18.23
CA LYS A 291 43.30 -44.96 17.96
C LYS A 291 43.94 -45.34 16.63
N GLY A 292 44.31 -44.37 15.81
CA GLY A 292 44.93 -44.67 14.53
C GLY A 292 43.97 -45.02 13.42
N ASN A 293 42.68 -44.74 13.58
CA ASN A 293 41.72 -45.03 12.52
C ASN A 293 42.03 -44.22 11.27
N MET A 294 42.39 -42.95 11.45
CA MET A 294 42.69 -42.08 10.31
C MET A 294 43.71 -41.04 10.73
N SER A 295 44.39 -40.48 9.74
CA SER A 295 45.40 -39.45 9.99
C SER A 295 44.75 -38.12 10.34
N GLY A 296 45.53 -37.27 11.01
CA GLY A 296 45.02 -35.96 11.37
C GLY A 296 44.67 -35.12 10.16
N GLY A 297 45.43 -35.27 9.08
CA GLY A 297 45.07 -34.59 7.84
C GLY A 297 43.72 -35.00 7.33
N GLN A 298 43.40 -36.30 7.43
CA GLN A 298 42.08 -36.76 7.02
C GLN A 298 40.99 -36.17 7.90
N LEU A 299 41.27 -36.01 9.20
CA LEU A 299 40.31 -35.36 10.09
C LEU A 299 40.08 -33.92 9.68
N LEU A 300 41.16 -33.19 9.36
CA LEU A 300 40.99 -31.81 8.93
C LEU A 300 40.23 -31.73 7.62
N ALA A 301 40.50 -32.65 6.70
CA ALA A 301 39.76 -32.69 5.44
C ALA A 301 38.28 -32.94 5.70
N PHE A 302 37.96 -33.87 6.59
CA PHE A 302 36.57 -34.12 6.94
C PHE A 302 35.92 -32.88 7.53
N ASN A 303 36.61 -32.21 8.45
CA ASN A 303 36.03 -31.03 9.09
C ASN A 303 35.79 -29.92 8.07
N ALA A 304 36.73 -29.70 7.16
CA ALA A 304 36.57 -28.65 6.16
C ALA A 304 35.56 -29.04 5.09
N LEU A 305 35.34 -30.34 4.88
CA LEU A 305 34.36 -30.79 3.90
C LEU A 305 32.94 -30.67 4.40
N LEU A 306 32.75 -30.57 5.72
CA LEU A 306 31.42 -30.39 6.27
C LEU A 306 30.80 -29.08 5.83
N ALA A 307 31.60 -28.15 5.32
CA ALA A 307 31.07 -26.92 4.75
C ALA A 307 30.23 -27.17 3.52
N TYR A 308 30.29 -28.36 2.94
CA TYR A 308 29.48 -28.71 1.77
C TYR A 308 28.42 -29.75 2.10
N PHE A 309 28.21 -30.07 3.38
CA PHE A 309 27.17 -31.00 3.76
C PHE A 309 26.26 -30.42 4.84
N LEU A 310 26.82 -29.64 5.76
CA LEU A 310 26.06 -29.04 6.84
C LEU A 310 25.84 -27.55 6.64
N THR A 311 26.87 -26.81 6.23
CA THR A 311 26.70 -25.38 5.99
C THR A 311 25.61 -25.06 4.99
N PRO A 312 25.46 -25.77 3.85
CA PRO A 312 24.28 -25.52 3.01
C PRO A 312 22.97 -25.77 3.74
N VAL A 313 22.92 -26.79 4.59
CA VAL A 313 21.69 -27.09 5.31
C VAL A 313 21.40 -26.02 6.36
N LYS A 314 22.42 -25.63 7.13
CA LYS A 314 22.20 -24.61 8.15
C LYS A 314 21.85 -23.27 7.52
N ASN A 315 22.50 -22.94 6.40
CA ASN A 315 22.19 -21.69 5.72
C ASN A 315 20.74 -21.66 5.24
N LEU A 316 20.25 -22.81 4.76
CA LEU A 316 18.85 -22.88 4.36
C LEU A 316 17.91 -22.66 5.54
N ILE A 317 18.24 -23.27 6.69
CA ILE A 317 17.39 -23.12 7.87
C ILE A 317 17.46 -21.69 8.40
N ASP A 318 18.61 -21.03 8.28
CA ASP A 318 18.71 -19.65 8.69
C ASP A 318 17.71 -18.78 7.94
N LEU A 319 17.46 -19.10 6.67
CA LEU A 319 16.43 -18.42 5.90
C LEU A 319 15.09 -19.16 5.97
N GLN A 320 14.64 -19.43 7.19
CA GLN A 320 13.28 -19.89 7.40
C GLN A 320 12.32 -18.71 7.51
N PRO A 321 12.71 -17.59 8.16
CA PRO A 321 11.85 -16.41 8.08
C PRO A 321 12.01 -15.67 6.77
N LEU A 322 12.05 -16.42 5.68
CA LEU A 322 11.90 -15.89 4.33
C LEU A 322 11.07 -16.78 3.43
N ILE A 323 10.95 -18.07 3.72
CA ILE A 323 10.08 -18.95 2.96
C ILE A 323 8.71 -19.06 3.61
N GLN A 324 8.66 -19.12 4.93
CA GLN A 324 7.38 -19.15 5.61
C GLN A 324 6.60 -17.87 5.38
N THR A 325 7.27 -16.72 5.40
CA THR A 325 6.62 -15.47 5.05
C THR A 325 6.12 -15.51 3.62
N ALA A 326 6.94 -16.03 2.70
CA ALA A 326 6.51 -16.17 1.32
C ALA A 326 5.33 -17.13 1.21
N VAL A 327 5.35 -18.21 1.98
CA VAL A 327 4.24 -19.16 1.91
C VAL A 327 2.95 -18.52 2.39
N VAL A 328 3.02 -17.76 3.49
CA VAL A 328 1.82 -17.10 3.99
C VAL A 328 1.32 -16.06 3.00
N ALA A 329 2.23 -15.30 2.39
CA ALA A 329 1.82 -14.33 1.39
C ALA A 329 1.17 -15.01 0.18
N SER A 330 1.74 -16.11 -0.27
CA SER A 330 1.16 -16.84 -1.40
C SER A 330 -0.20 -17.40 -1.04
N ASN A 331 -0.36 -17.90 0.19
CA ASN A 331 -1.67 -18.39 0.62
C ASN A 331 -2.69 -17.26 0.65
N ARG A 332 -2.28 -16.07 1.13
CA ARG A 332 -3.20 -14.95 1.17
C ARG A 332 -3.61 -14.52 -0.23
N LEU A 333 -2.66 -14.52 -1.18
CA LEU A 333 -3.02 -14.21 -2.57
C LEU A 333 -3.93 -15.28 -3.15
N GLY A 334 -3.66 -16.56 -2.85
CA GLY A 334 -4.51 -17.62 -3.35
C GLY A 334 -5.90 -17.58 -2.78
N GLU A 335 -6.06 -17.00 -1.60
CA GLU A 335 -7.40 -16.79 -1.04
C GLU A 335 -8.25 -15.96 -1.98
N ILE A 336 -7.66 -14.89 -2.54
CA ILE A 336 -8.37 -14.09 -3.53
C ILE A 336 -8.48 -14.85 -4.84
N LEU A 337 -7.40 -15.51 -5.27
CA LEU A 337 -7.40 -16.19 -6.56
C LEU A 337 -8.42 -17.31 -6.62
N GLU A 338 -8.77 -17.90 -5.47
CA GLU A 338 -9.77 -18.96 -5.47
C GLU A 338 -11.17 -18.43 -5.71
N LEU A 339 -11.41 -17.14 -5.52
CA LEU A 339 -12.73 -16.58 -5.72
C LEU A 339 -13.14 -16.69 -7.18
N ALA A 340 -14.39 -17.08 -7.41
CA ALA A 340 -14.89 -17.19 -8.77
C ALA A 340 -15.07 -15.82 -9.40
N THR A 341 -14.66 -15.70 -10.66
CA THR A 341 -14.78 -14.43 -11.36
C THR A 341 -16.24 -14.19 -11.76
N GLU A 342 -16.49 -13.00 -12.30
CA GLU A 342 -17.85 -12.63 -12.67
C GLU A 342 -18.39 -13.53 -13.78
N LYS A 343 -17.56 -13.86 -14.76
CA LYS A 343 -18.02 -14.67 -15.87
C LYS A 343 -18.29 -16.11 -15.45
N GLU A 344 -17.53 -16.63 -14.48
CA GLU A 344 -17.70 -18.01 -14.07
C GLU A 344 -19.07 -18.25 -13.47
N LEU A 345 -19.57 -17.31 -12.66
CA LEU A 345 -20.87 -17.47 -12.03
C LEU A 345 -22.02 -17.44 -13.03
N ARG A 346 -21.80 -16.94 -14.23
CA ARG A 346 -22.88 -16.81 -15.20
C ARG A 346 -23.20 -18.16 -15.85
N GLU A 347 -24.45 -18.31 -16.25
CA GLU A 347 -24.92 -19.56 -16.84
C GLU A 347 -24.53 -19.61 -18.32
N ASP A 348 -25.09 -20.57 -19.03
CA ASP A 348 -24.80 -20.73 -20.46
C ASP A 348 -25.39 -19.56 -21.23
N SER A 349 -24.54 -18.64 -21.67
CA SER A 349 -25.01 -17.48 -22.40
C SER A 349 -25.54 -17.87 -23.77
N ASP A 350 -26.67 -17.29 -24.14
CA ASP A 350 -27.25 -17.53 -25.45
C ASP A 350 -26.50 -16.74 -26.50
N ASP A 351 -26.14 -17.41 -27.60
CA ASP A 351 -25.40 -16.76 -28.68
C ASP A 351 -26.30 -16.17 -29.75
N PHE A 352 -27.61 -16.41 -29.68
CA PHE A 352 -28.53 -15.90 -30.68
C PHE A 352 -28.98 -14.47 -30.41
N VAL A 353 -28.56 -13.87 -29.30
CA VAL A 353 -28.92 -12.51 -28.96
C VAL A 353 -27.72 -11.62 -29.23
N ILE A 354 -27.89 -10.63 -30.10
CA ILE A 354 -26.83 -9.71 -30.44
C ILE A 354 -27.20 -8.25 -30.18
N SER A 355 -28.48 -7.91 -30.15
CA SER A 355 -28.92 -6.53 -29.96
C SER A 355 -29.76 -6.44 -28.70
N LEU A 356 -29.42 -5.51 -27.82
CA LEU A 356 -30.20 -5.28 -26.60
C LEU A 356 -31.31 -4.27 -26.85
N LYS A 357 -32.11 -4.54 -27.87
CA LYS A 357 -33.22 -3.67 -28.25
C LYS A 357 -34.52 -4.42 -28.06
N GLY A 358 -35.47 -3.81 -27.35
CA GLY A 358 -36.72 -4.45 -27.05
C GLY A 358 -37.37 -3.81 -25.84
N ASP A 359 -38.21 -4.60 -25.17
CA ASP A 359 -38.90 -4.14 -23.98
C ASP A 359 -38.14 -4.63 -22.75
N ILE A 360 -37.70 -3.69 -21.91
CA ILE A 360 -37.09 -4.01 -20.64
C ILE A 360 -38.20 -4.20 -19.61
N GLU A 361 -38.25 -5.36 -18.99
CA GLU A 361 -39.31 -5.70 -18.06
C GLU A 361 -38.72 -6.22 -16.76
N PHE A 362 -39.18 -5.67 -15.64
CA PHE A 362 -38.86 -6.18 -14.31
C PHE A 362 -40.05 -6.98 -13.80
N ARG A 363 -39.79 -8.22 -13.39
CA ARG A 363 -40.85 -9.14 -12.99
C ARG A 363 -40.57 -9.61 -11.56
N ASN A 364 -41.23 -8.97 -10.60
CA ASN A 364 -41.14 -9.35 -9.19
C ASN A 364 -39.69 -9.39 -8.71
N VAL A 365 -38.93 -8.35 -9.07
CA VAL A 365 -37.52 -8.30 -8.71
C VAL A 365 -37.38 -7.91 -7.25
N ASP A 366 -36.65 -8.71 -6.49
CA ASP A 366 -36.33 -8.42 -5.10
C ASP A 366 -34.83 -8.48 -4.91
N PHE A 367 -34.26 -7.46 -4.29
CA PHE A 367 -32.82 -7.38 -4.11
C PHE A 367 -32.51 -6.80 -2.74
N ARG A 368 -31.49 -7.35 -2.09
CA ARG A 368 -31.00 -6.85 -0.83
C ARG A 368 -29.48 -6.86 -0.84
N TYR A 369 -28.88 -5.88 -0.15
CA TYR A 369 -27.43 -5.73 -0.14
C TYR A 369 -26.85 -6.62 0.93
N GLY A 370 -26.81 -7.92 0.63
CA GLY A 370 -26.23 -8.88 1.54
C GLY A 370 -27.02 -9.08 2.81
N LEU A 371 -28.23 -9.64 2.68
CA LEU A 371 -29.10 -10.02 3.79
C LEU A 371 -29.24 -8.91 4.83
N ARG A 372 -29.07 -7.66 4.40
CA ARG A 372 -29.20 -6.54 5.33
C ARG A 372 -30.66 -6.15 5.52
N LYS A 373 -31.32 -5.76 4.44
CA LYS A 373 -32.72 -5.32 4.48
C LYS A 373 -33.24 -5.28 3.05
N PRO A 374 -34.54 -5.45 2.85
CA PRO A 374 -35.07 -5.41 1.49
C PRO A 374 -35.04 -4.02 0.90
N VAL A 375 -34.13 -3.79 -0.06
CA VAL A 375 -34.05 -2.49 -0.71
C VAL A 375 -35.15 -2.34 -1.74
N LEU A 376 -35.39 -3.38 -2.55
CA LEU A 376 -36.46 -3.38 -3.54
C LEU A 376 -37.33 -4.60 -3.30
N LYS A 377 -38.65 -4.39 -3.23
CA LYS A 377 -39.59 -5.46 -2.95
C LYS A 377 -40.63 -5.52 -4.06
N ASN A 378 -40.65 -6.63 -4.79
CA ASN A 378 -41.68 -6.91 -5.80
C ASN A 378 -41.78 -5.78 -6.82
N ILE A 379 -40.69 -5.57 -7.54
CA ILE A 379 -40.67 -4.57 -8.61
C ILE A 379 -41.35 -5.15 -9.84
N ASN A 380 -42.37 -4.46 -10.34
CA ASN A 380 -43.08 -4.84 -11.56
C ASN A 380 -43.03 -3.65 -12.50
N LEU A 381 -42.04 -3.65 -13.39
CA LEU A 381 -41.75 -2.52 -14.26
C LEU A 381 -41.62 -3.00 -15.69
N THR A 382 -42.06 -2.17 -16.64
CA THR A 382 -41.99 -2.48 -18.05
C THR A 382 -41.72 -1.21 -18.83
N ILE A 383 -40.66 -1.20 -19.60
CA ILE A 383 -40.24 -0.03 -20.39
C ILE A 383 -40.53 -0.33 -21.85
N PRO A 384 -41.35 0.48 -22.52
CA PRO A 384 -41.60 0.27 -23.94
C PRO A 384 -40.33 0.42 -24.77
N LYS A 385 -40.28 -0.30 -25.87
CA LYS A 385 -39.08 -0.33 -26.69
C LYS A 385 -38.79 1.04 -27.31
N GLY A 386 -37.53 1.46 -27.21
CA GLY A 386 -37.09 2.68 -27.87
C GLY A 386 -37.75 3.94 -27.36
N LYS A 387 -38.19 3.95 -26.11
CA LYS A 387 -38.81 5.13 -25.52
C LYS A 387 -37.93 5.70 -24.43
N THR A 388 -38.30 6.88 -23.95
CA THR A 388 -37.59 7.54 -22.87
C THR A 388 -38.44 7.49 -21.61
N VAL A 389 -37.94 6.80 -20.59
CA VAL A 389 -38.68 6.56 -19.36
C VAL A 389 -37.84 7.06 -18.20
N ALA A 390 -38.45 7.81 -17.29
CA ALA A 390 -37.76 8.42 -16.17
C ALA A 390 -38.24 7.82 -14.86
N ILE A 391 -37.31 7.61 -13.94
CA ILE A 391 -37.59 7.07 -12.61
C ILE A 391 -37.25 8.14 -11.60
N VAL A 392 -38.22 8.47 -10.73
CA VAL A 392 -38.05 9.51 -9.73
C VAL A 392 -38.40 8.95 -8.36
N GLY A 393 -37.86 9.60 -7.34
CA GLY A 393 -38.11 9.18 -5.98
C GLY A 393 -37.18 9.91 -5.03
N GLU A 394 -37.37 9.61 -3.75
CA GLU A 394 -36.53 10.22 -2.73
C GLU A 394 -35.17 9.53 -2.69
N SER A 395 -34.22 10.17 -2.01
CA SER A 395 -32.89 9.60 -1.88
C SER A 395 -32.95 8.28 -1.13
N GLY A 396 -32.21 7.30 -1.63
CA GLY A 396 -32.19 5.98 -1.03
C GLY A 396 -33.35 5.09 -1.43
N SER A 397 -34.20 5.53 -2.35
CA SER A 397 -35.32 4.69 -2.76
C SER A 397 -34.87 3.46 -3.52
N GLY A 398 -33.71 3.52 -4.18
CA GLY A 398 -33.19 2.37 -4.87
C GLY A 398 -33.06 2.56 -6.38
N LYS A 399 -33.05 3.81 -6.83
CA LYS A 399 -32.98 4.08 -8.26
C LYS A 399 -31.64 3.63 -8.83
N THR A 400 -30.54 4.06 -8.20
CA THR A 400 -29.23 3.60 -8.63
C THR A 400 -29.10 2.09 -8.49
N THR A 401 -29.76 1.51 -7.48
CA THR A 401 -29.79 0.06 -7.36
C THR A 401 -30.50 -0.57 -8.55
N LEU A 402 -31.59 0.04 -9.00
CA LEU A 402 -32.27 -0.46 -10.19
C LEU A 402 -31.34 -0.42 -11.40
N ALA A 403 -30.64 0.70 -11.57
CA ALA A 403 -29.73 0.82 -12.70
C ALA A 403 -28.63 -0.24 -12.64
N LYS A 404 -28.06 -0.45 -11.46
CA LYS A 404 -27.00 -1.45 -11.33
C LYS A 404 -27.53 -2.86 -11.54
N LEU A 405 -28.77 -3.12 -11.14
CA LEU A 405 -29.38 -4.40 -11.42
C LEU A 405 -29.54 -4.61 -12.92
N LEU A 406 -29.90 -3.55 -13.65
CA LEU A 406 -30.07 -3.68 -15.09
C LEU A 406 -28.76 -3.97 -15.81
N MET A 407 -27.61 -3.70 -15.18
CA MET A 407 -26.32 -3.93 -15.79
C MET A 407 -25.57 -5.13 -15.21
N ASN A 408 -26.27 -5.98 -14.44
CA ASN A 408 -25.72 -7.24 -13.96
C ASN A 408 -24.50 -7.06 -13.06
N PHE A 409 -24.40 -5.92 -12.38
CA PHE A 409 -23.44 -5.84 -11.29
C PHE A 409 -23.84 -6.77 -10.15
N TYR A 410 -25.13 -6.87 -9.87
CA TYR A 410 -25.65 -7.78 -8.88
C TYR A 410 -26.83 -8.55 -9.46
N SER A 411 -27.04 -9.75 -8.97
CA SER A 411 -28.19 -10.51 -9.44
C SER A 411 -29.29 -10.47 -8.40
N PRO A 412 -30.53 -10.19 -8.79
CA PRO A 412 -31.62 -10.17 -7.82
C PRO A 412 -31.80 -11.54 -7.17
N GLU A 413 -32.10 -11.53 -5.87
CA GLU A 413 -32.30 -12.79 -5.16
C GLU A 413 -33.63 -13.43 -5.51
N LYS A 414 -34.56 -12.67 -6.09
CA LYS A 414 -35.86 -13.21 -6.47
C LYS A 414 -36.36 -12.42 -7.68
N GLY A 415 -37.04 -13.12 -8.58
CA GLY A 415 -37.52 -12.52 -9.80
C GLY A 415 -36.52 -12.63 -10.95
N ASP A 416 -36.77 -11.86 -11.98
CA ASP A 416 -35.91 -11.90 -13.16
C ASP A 416 -36.08 -10.61 -13.95
N ILE A 417 -35.09 -10.33 -14.80
CA ILE A 417 -35.11 -9.17 -15.68
C ILE A 417 -35.03 -9.68 -17.11
N LEU A 418 -35.97 -9.23 -17.95
CA LEU A 418 -36.08 -9.70 -19.32
C LEU A 418 -35.89 -8.55 -20.29
N ILE A 419 -35.15 -8.81 -21.36
CA ILE A 419 -34.97 -7.87 -22.46
C ILE A 419 -35.45 -8.54 -23.74
N ASN A 420 -36.49 -7.98 -24.34
CA ASN A 420 -37.11 -8.56 -25.54
C ASN A 420 -37.51 -10.01 -25.30
N GLY A 421 -38.04 -10.29 -24.11
CA GLY A 421 -38.51 -11.63 -23.79
C GLY A 421 -37.43 -12.63 -23.46
N HIS A 422 -36.19 -12.20 -23.28
CA HIS A 422 -35.10 -13.09 -22.95
C HIS A 422 -34.48 -12.66 -21.63
N SER A 423 -34.22 -13.61 -20.74
CA SER A 423 -33.71 -13.29 -19.42
C SER A 423 -32.31 -12.69 -19.52
N ILE A 424 -32.07 -11.66 -18.70
CA ILE A 424 -30.79 -10.96 -18.78
C ILE A 424 -29.65 -11.83 -18.28
N LYS A 425 -29.94 -12.73 -17.34
CA LYS A 425 -28.89 -13.64 -16.88
C LYS A 425 -28.55 -14.69 -17.91
N ASN A 426 -29.32 -14.78 -19.00
CA ASN A 426 -29.10 -15.74 -20.06
C ASN A 426 -28.38 -15.12 -21.26
N ILE A 427 -27.87 -13.89 -21.11
CA ILE A 427 -27.18 -13.19 -22.18
C ILE A 427 -25.71 -13.04 -21.83
N SER A 428 -24.87 -12.98 -22.85
CA SER A 428 -23.43 -12.86 -22.63
C SER A 428 -23.11 -11.56 -21.89
N LEU A 429 -22.22 -11.66 -20.91
CA LEU A 429 -21.90 -10.51 -20.08
C LEU A 429 -21.26 -9.39 -20.90
N GLU A 430 -20.37 -9.73 -21.82
CA GLU A 430 -19.70 -8.71 -22.61
C GLU A 430 -20.70 -7.89 -23.42
N LEU A 431 -21.67 -8.56 -24.04
CA LEU A 431 -22.68 -7.85 -24.82
C LEU A 431 -23.51 -6.93 -23.93
N ILE A 432 -23.82 -7.38 -22.71
CA ILE A 432 -24.66 -6.59 -21.82
C ILE A 432 -23.97 -5.28 -21.47
N ARG A 433 -22.68 -5.33 -21.17
CA ARG A 433 -21.94 -4.15 -20.76
C ARG A 433 -21.36 -3.38 -21.94
N LYS A 434 -21.60 -3.83 -23.17
CA LYS A 434 -21.15 -3.10 -24.35
C LYS A 434 -22.28 -2.32 -25.02
N LYS A 435 -23.53 -2.73 -24.83
CA LYS A 435 -24.67 -2.05 -25.43
C LYS A 435 -25.46 -1.22 -24.44
N ILE A 436 -25.01 -1.12 -23.20
CA ILE A 436 -25.69 -0.34 -22.17
C ILE A 436 -24.71 0.68 -21.61
N ALA A 437 -25.11 1.95 -21.64
CA ALA A 437 -24.28 3.04 -21.17
C ALA A 437 -24.81 3.55 -19.84
N PHE A 438 -23.90 3.73 -18.87
CA PHE A 438 -24.25 4.18 -17.54
C PHE A 438 -23.47 5.44 -17.21
N VAL A 439 -24.16 6.46 -16.73
CA VAL A 439 -23.55 7.72 -16.32
C VAL A 439 -23.81 7.85 -14.83
N SER A 440 -22.81 7.52 -14.01
CA SER A 440 -23.00 7.49 -12.58
C SER A 440 -23.15 8.90 -12.01
N GLN A 441 -23.63 8.97 -10.77
CA GLN A 441 -23.74 10.25 -10.09
C GLN A 441 -22.37 10.88 -9.89
N ASP A 442 -21.37 10.07 -9.53
CA ASP A 442 -20.01 10.54 -9.37
C ASP A 442 -19.23 10.12 -10.61
N VAL A 443 -18.58 11.07 -11.25
CA VAL A 443 -17.81 10.82 -12.46
C VAL A 443 -16.37 10.50 -12.07
N PHE A 444 -15.85 9.40 -12.60
CA PHE A 444 -14.49 8.99 -12.32
C PHE A 444 -13.61 9.28 -13.54
N ILE A 445 -12.55 10.05 -13.33
CA ILE A 445 -11.61 10.41 -14.38
C ILE A 445 -10.30 9.71 -14.08
N PHE A 446 -9.79 8.99 -15.07
CA PHE A 446 -8.53 8.27 -14.93
C PHE A 446 -7.38 9.16 -15.38
N SER A 447 -6.25 9.02 -14.69
CA SER A 447 -5.09 9.85 -15.01
C SER A 447 -4.63 9.59 -16.44
N GLY A 448 -4.41 10.67 -17.18
CA GLY A 448 -4.01 10.57 -18.55
C GLY A 448 -4.66 11.67 -19.37
N THR A 449 -4.54 11.53 -20.69
CA THR A 449 -5.08 12.53 -21.60
C THR A 449 -6.60 12.45 -21.64
N VAL A 450 -7.21 13.56 -22.08
CA VAL A 450 -8.66 13.59 -22.26
C VAL A 450 -9.08 12.56 -23.30
N LYS A 451 -8.31 12.44 -24.38
CA LYS A 451 -8.63 11.46 -25.41
C LYS A 451 -8.66 10.05 -24.84
N GLU A 452 -7.80 9.76 -23.88
CA GLU A 452 -7.81 8.45 -23.25
C GLU A 452 -9.10 8.22 -22.48
N ASN A 453 -9.54 9.22 -21.71
CA ASN A 453 -10.74 9.06 -20.91
C ASN A 453 -11.98 8.94 -21.79
N LEU A 454 -12.08 9.78 -22.82
CA LEU A 454 -13.23 9.71 -23.71
C LEU A 454 -13.29 8.40 -24.46
N ALA A 455 -12.17 7.72 -24.66
CA ALA A 455 -12.12 6.48 -25.41
C ALA A 455 -11.93 5.26 -24.52
N LEU A 456 -12.28 5.38 -23.25
CA LEU A 456 -12.15 4.23 -22.35
C LEU A 456 -13.00 3.07 -22.84
N GLY A 457 -12.41 1.89 -22.85
CA GLY A 457 -13.07 0.70 -23.35
C GLY A 457 -12.83 0.43 -24.82
N ASN A 458 -12.70 1.48 -25.61
CA ASN A 458 -12.40 1.36 -27.03
C ASN A 458 -10.91 1.59 -27.22
N GLU A 459 -10.21 0.59 -27.75
CA GLU A 459 -8.78 0.74 -28.00
C GLU A 459 -8.53 1.89 -28.97
N ASN A 460 -9.35 1.98 -30.02
CA ASN A 460 -9.36 3.10 -30.95
C ASN A 460 -10.59 3.02 -31.84
N VAL A 461 -11.18 4.17 -32.16
CA VAL A 461 -12.33 4.21 -33.05
C VAL A 461 -12.07 5.16 -34.21
N ASP A 462 -11.89 6.44 -33.89
CA ASP A 462 -11.61 7.50 -34.85
C ASP A 462 -11.46 8.79 -34.06
N MET A 463 -11.08 9.85 -34.76
CA MET A 463 -11.14 11.18 -34.18
C MET A 463 -12.43 11.91 -34.52
N ASP A 464 -13.03 11.59 -35.67
CA ASP A 464 -14.30 12.20 -36.02
C ASP A 464 -15.39 11.79 -35.05
N GLU A 465 -15.41 10.52 -34.64
CA GLU A 465 -16.41 10.07 -33.70
C GLU A 465 -16.27 10.77 -32.35
N ILE A 466 -15.03 10.91 -31.87
CA ILE A 466 -14.81 11.53 -30.57
C ILE A 466 -15.24 12.99 -30.58
N ILE A 467 -14.84 13.72 -31.63
CA ILE A 467 -15.21 15.14 -31.69
C ILE A 467 -16.72 15.27 -31.89
N LYS A 468 -17.33 14.36 -32.64
CA LYS A 468 -18.78 14.40 -32.81
C LYS A 468 -19.49 14.20 -31.49
N ALA A 469 -19.04 13.23 -30.69
CA ALA A 469 -19.64 12.98 -29.39
C ALA A 469 -19.43 14.17 -28.46
N ALA A 470 -18.23 14.75 -28.47
CA ALA A 470 -17.96 15.90 -27.61
C ALA A 470 -18.84 17.08 -27.99
N LYS A 471 -19.00 17.33 -29.30
CA LYS A 471 -19.93 18.36 -29.74
C LYS A 471 -21.35 17.99 -29.38
N MET A 472 -21.69 16.71 -29.47
CA MET A 472 -23.02 16.26 -29.11
C MET A 472 -23.31 16.52 -27.63
N ALA A 473 -22.32 16.31 -26.78
CA ALA A 473 -22.48 16.52 -25.34
C ALA A 473 -22.06 17.91 -24.90
N ASN A 474 -21.82 18.82 -25.84
CA ASN A 474 -21.42 20.20 -25.55
C ASN A 474 -20.12 20.27 -24.76
N ALA A 475 -19.28 19.26 -24.87
CA ALA A 475 -17.98 19.27 -24.21
C ALA A 475 -16.86 19.74 -25.13
N HIS A 476 -17.11 19.82 -26.43
CA HIS A 476 -16.05 20.21 -27.36
C HIS A 476 -15.59 21.64 -27.12
N ASP A 477 -16.52 22.52 -26.72
CA ASP A 477 -16.19 23.93 -26.57
C ASP A 477 -15.14 24.15 -25.50
N PHE A 478 -15.31 23.54 -24.33
CA PHE A 478 -14.35 23.73 -23.26
C PHE A 478 -13.13 22.83 -23.42
N ILE A 479 -13.19 21.83 -24.29
CA ILE A 479 -11.99 21.06 -24.62
C ILE A 479 -11.03 21.91 -25.44
N GLU A 480 -11.56 22.68 -26.38
CA GLU A 480 -10.71 23.52 -27.23
C GLU A 480 -9.96 24.56 -26.41
N LYS A 481 -10.62 25.12 -25.39
CA LYS A 481 -9.99 26.14 -24.57
C LYS A 481 -8.83 25.61 -23.75
N LEU A 482 -8.70 24.29 -23.62
CA LEU A 482 -7.61 23.71 -22.87
C LEU A 482 -6.29 23.94 -23.58
N PRO A 483 -5.18 23.94 -22.83
CA PRO A 483 -3.86 24.15 -23.48
C PRO A 483 -3.55 23.11 -24.54
N LEU A 484 -3.94 21.86 -24.32
CA LEU A 484 -3.69 20.78 -25.28
C LEU A 484 -5.04 20.11 -25.56
N LYS A 485 -5.68 20.53 -26.64
CA LYS A 485 -6.99 20.00 -26.99
C LYS A 485 -6.94 18.50 -27.18
N TYR A 486 -7.81 17.80 -26.46
CA TYR A 486 -7.87 16.33 -26.49
C TYR A 486 -6.54 15.69 -26.13
N ASP A 487 -5.63 16.46 -25.54
CA ASP A 487 -4.36 15.94 -25.09
C ASP A 487 -3.93 16.45 -23.73
N THR A 488 -4.72 17.32 -23.10
CA THR A 488 -4.38 17.80 -21.77
C THR A 488 -4.34 16.63 -20.80
N PHE A 489 -3.35 16.64 -19.92
CA PHE A 489 -3.15 15.56 -18.95
C PHE A 489 -4.01 15.83 -17.74
N LEU A 490 -5.06 15.02 -17.57
CA LEU A 490 -5.94 15.14 -16.41
C LEU A 490 -5.30 14.42 -15.23
N ASN A 491 -5.10 15.14 -14.13
CA ASN A 491 -4.40 14.59 -12.97
C ASN A 491 -5.40 13.98 -12.00
N GLU A 492 -5.19 12.72 -11.66
CA GLU A 492 -5.98 11.99 -10.68
C GLU A 492 -7.44 12.05 -11.12
N SER A 493 -8.34 12.58 -10.30
CA SER A 493 -9.77 12.63 -10.65
C SER A 493 -10.15 14.01 -11.18
N GLY A 494 -9.43 14.46 -12.20
CA GLY A 494 -9.76 15.70 -12.86
C GLY A 494 -9.86 16.91 -11.94
N ALA A 495 -8.91 17.04 -11.01
CA ALA A 495 -8.99 18.12 -10.03
C ALA A 495 -8.97 19.49 -10.71
N ASN A 496 -8.42 19.58 -11.91
CA ASN A 496 -8.45 20.81 -12.68
C ASN A 496 -9.71 20.95 -13.53
N LEU A 497 -10.65 20.02 -13.41
CA LEU A 497 -11.91 20.08 -14.13
C LEU A 497 -13.06 20.29 -13.15
N SER A 498 -14.00 21.14 -13.54
CA SER A 498 -15.17 21.38 -12.70
C SER A 498 -16.09 20.17 -12.71
N GLU A 499 -17.06 20.19 -11.80
CA GLU A 499 -18.03 19.09 -11.74
C GLU A 499 -18.85 19.02 -13.01
N GLY A 500 -19.30 20.17 -13.53
CA GLY A 500 -20.06 20.17 -14.76
C GLY A 500 -19.26 19.65 -15.94
N GLN A 501 -17.98 20.02 -16.01
CA GLN A 501 -17.13 19.52 -17.08
C GLN A 501 -16.97 18.00 -16.98
N LYS A 502 -16.81 17.49 -15.77
CA LYS A 502 -16.69 16.04 -15.60
C LYS A 502 -17.98 15.33 -16.01
N GLN A 503 -19.13 15.90 -15.64
CA GLN A 503 -20.41 15.32 -16.05
C GLN A 503 -20.55 15.33 -17.57
N ARG A 504 -20.15 16.41 -18.21
CA ARG A 504 -20.21 16.48 -19.67
C ARG A 504 -19.29 15.45 -20.31
N LEU A 505 -18.09 15.26 -19.74
CA LEU A 505 -17.20 14.24 -20.26
C LEU A 505 -17.79 12.85 -20.11
N ALA A 506 -18.43 12.58 -18.97
CA ALA A 506 -19.05 11.28 -18.78
C ALA A 506 -20.19 11.06 -19.77
N ILE A 507 -21.00 12.09 -20.01
CA ILE A 507 -22.09 11.96 -20.97
C ILE A 507 -21.53 11.71 -22.36
N ALA A 508 -20.48 12.44 -22.74
CA ALA A 508 -19.87 12.22 -24.05
C ALA A 508 -19.32 10.80 -24.18
N ARG A 509 -18.65 10.32 -23.13
CA ARG A 509 -18.09 8.98 -23.16
C ARG A 509 -19.19 7.94 -23.30
N ALA A 510 -20.31 8.13 -22.60
CA ALA A 510 -21.43 7.21 -22.74
C ALA A 510 -22.01 7.26 -24.15
N LEU A 511 -22.14 8.47 -24.71
CA LEU A 511 -22.68 8.61 -26.06
C LEU A 511 -21.77 7.98 -27.09
N LEU A 512 -20.45 8.09 -26.89
CA LEU A 512 -19.50 7.54 -27.85
C LEU A 512 -19.64 6.04 -28.00
N LYS A 513 -20.09 5.35 -26.94
CA LYS A 513 -20.26 3.91 -27.01
C LYS A 513 -21.31 3.51 -28.04
N LYS A 514 -22.18 4.42 -28.44
CA LYS A 514 -23.28 4.13 -29.35
C LYS A 514 -24.11 2.96 -28.85
N PRO A 515 -24.75 3.09 -27.69
CA PRO A 515 -25.37 1.94 -27.06
C PRO A 515 -26.82 1.73 -27.49
N ASP A 516 -27.44 0.67 -26.98
CA ASP A 516 -28.86 0.42 -27.20
C ASP A 516 -29.72 0.87 -26.03
N ILE A 517 -29.17 0.87 -24.82
CA ILE A 517 -29.87 1.32 -23.63
C ILE A 517 -29.00 2.37 -22.94
N LEU A 518 -29.56 3.56 -22.72
CA LEU A 518 -28.84 4.65 -22.10
C LEU A 518 -29.46 4.98 -20.76
N ILE A 519 -28.64 5.02 -19.71
CA ILE A 519 -29.09 5.30 -18.35
C ILE A 519 -28.38 6.55 -17.86
N LEU A 520 -29.15 7.54 -17.44
CA LEU A 520 -28.61 8.79 -16.91
C LEU A 520 -28.98 8.88 -15.43
N ASP A 521 -27.97 8.78 -14.57
CA ASP A 521 -28.17 8.79 -13.12
C ASP A 521 -27.87 10.19 -12.60
N GLU A 522 -28.87 11.07 -12.72
CA GLU A 522 -28.76 12.47 -12.28
C GLU A 522 -27.55 13.14 -12.92
N ALA A 523 -27.31 12.84 -14.20
CA ALA A 523 -26.16 13.39 -14.90
C ALA A 523 -26.32 14.88 -15.19
N THR A 524 -27.52 15.42 -15.07
CA THR A 524 -27.78 16.81 -15.39
C THR A 524 -27.87 17.69 -14.15
N SER A 525 -27.42 17.19 -12.99
CA SER A 525 -27.55 17.96 -11.76
C SER A 525 -26.72 19.24 -11.79
N ASN A 526 -25.48 19.15 -12.26
CA ASN A 526 -24.56 20.28 -12.19
C ASN A 526 -24.53 21.11 -13.46
N LEU A 527 -25.31 20.74 -14.48
CA LEU A 527 -25.31 21.49 -15.72
C LEU A 527 -26.16 22.75 -15.60
N ASP A 528 -25.94 23.68 -16.50
CA ASP A 528 -26.73 24.91 -16.56
C ASP A 528 -27.85 24.74 -17.58
N SER A 529 -28.54 25.84 -17.89
CA SER A 529 -29.71 25.75 -18.76
C SER A 529 -29.32 25.42 -20.20
N ILE A 530 -28.31 26.11 -20.73
CA ILE A 530 -28.00 25.97 -22.14
C ILE A 530 -27.39 24.60 -22.45
N THR A 531 -26.53 24.10 -21.56
CA THR A 531 -25.94 22.78 -21.78
C THR A 531 -26.99 21.70 -21.69
N GLU A 532 -27.91 21.81 -20.73
CA GLU A 532 -28.95 20.80 -20.58
C GLU A 532 -29.87 20.78 -21.78
N ASN A 533 -30.20 21.96 -22.33
CA ASN A 533 -31.04 22.01 -23.52
C ASN A 533 -30.34 21.34 -24.69
N HIS A 534 -29.03 21.60 -24.85
CA HIS A 534 -28.27 20.95 -25.91
C HIS A 534 -28.26 19.44 -25.73
N ILE A 535 -28.09 18.97 -24.48
CA ILE A 535 -28.07 17.54 -24.23
C ILE A 535 -29.41 16.91 -24.58
N LYS A 536 -30.50 17.52 -24.10
CA LYS A 536 -31.82 16.94 -24.35
C LYS A 536 -32.19 16.98 -25.83
N ASP A 537 -31.69 17.99 -26.56
CA ASP A 537 -31.87 17.97 -28.00
C ASP A 537 -31.06 16.86 -28.64
N ALA A 538 -29.86 16.60 -28.11
CA ALA A 538 -29.03 15.52 -28.65
C ALA A 538 -29.69 14.17 -28.43
N ILE A 539 -30.31 13.96 -27.28
CA ILE A 539 -30.98 12.70 -27.00
C ILE A 539 -32.11 12.46 -27.99
N TYR A 540 -32.90 13.49 -28.28
CA TYR A 540 -33.96 13.36 -29.26
C TYR A 540 -33.42 13.05 -30.66
N GLY A 541 -32.15 13.35 -30.92
CA GLY A 541 -31.54 13.08 -32.19
C GLY A 541 -31.02 11.68 -32.38
N LEU A 542 -31.23 10.80 -31.41
CA LEU A 542 -30.76 9.43 -31.53
C LEU A 542 -31.57 8.68 -32.59
N GLU A 543 -31.25 7.41 -32.78
CA GLU A 543 -31.84 6.60 -33.84
C GLU A 543 -33.25 6.12 -33.53
N ASP A 544 -33.89 6.67 -32.50
CA ASP A 544 -35.25 6.32 -32.09
C ASP A 544 -35.38 4.85 -31.67
N ASP A 545 -34.27 4.13 -31.60
CA ASP A 545 -34.26 2.76 -31.13
C ASP A 545 -33.45 2.59 -29.87
N VAL A 546 -32.83 3.65 -29.37
CA VAL A 546 -32.02 3.60 -28.17
C VAL A 546 -32.92 3.98 -27.00
N THR A 547 -33.26 3.00 -26.17
CA THR A 547 -34.06 3.27 -24.98
C THR A 547 -33.27 4.12 -24.00
N VAL A 548 -33.90 5.15 -23.45
CA VAL A 548 -33.26 6.10 -22.55
C VAL A 548 -33.96 6.04 -21.21
N ILE A 549 -33.17 5.86 -20.15
CA ILE A 549 -33.68 5.86 -18.78
C ILE A 549 -33.04 7.04 -18.06
N ILE A 550 -33.85 7.96 -17.57
CA ILE A 550 -33.37 9.18 -16.94
C ILE A 550 -33.75 9.12 -15.48
N ILE A 551 -32.77 8.88 -14.61
CA ILE A 551 -32.98 8.89 -13.17
C ILE A 551 -32.64 10.30 -12.69
N ALA A 552 -33.68 11.06 -12.32
CA ALA A 552 -33.51 12.46 -12.00
C ALA A 552 -34.10 12.77 -10.64
N HIS A 553 -33.52 13.77 -9.97
CA HIS A 553 -34.01 14.26 -8.70
C HIS A 553 -34.64 15.64 -8.78
N ARG A 554 -34.34 16.41 -9.84
CA ARG A 554 -34.87 17.76 -9.96
C ARG A 554 -36.38 17.76 -10.11
N LEU A 555 -36.93 16.77 -10.83
CA LEU A 555 -38.35 16.53 -11.04
C LEU A 555 -38.97 17.53 -12.01
N SER A 556 -38.24 18.58 -12.42
CA SER A 556 -38.72 19.48 -13.44
C SER A 556 -38.15 19.18 -14.81
N THR A 557 -37.22 18.22 -14.90
CA THR A 557 -36.61 17.82 -16.15
C THR A 557 -37.31 16.63 -16.78
N ILE A 558 -38.54 16.35 -16.34
CA ILE A 558 -39.24 15.12 -16.70
C ILE A 558 -40.55 15.38 -17.44
N VAL A 559 -41.02 16.63 -17.49
CA VAL A 559 -42.37 16.91 -17.97
C VAL A 559 -42.57 16.43 -19.40
N ASN A 560 -41.51 16.39 -20.19
CA ASN A 560 -41.62 16.05 -21.61
C ASN A 560 -41.15 14.62 -21.90
N LEU A 561 -41.45 13.67 -21.01
CA LEU A 561 -40.98 12.31 -21.17
C LEU A 561 -42.15 11.35 -21.30
N ASP A 562 -41.89 10.19 -21.90
CA ASP A 562 -42.95 9.27 -22.29
C ASP A 562 -43.66 8.69 -21.07
N LYS A 563 -42.90 8.15 -20.13
CA LYS A 563 -43.48 7.48 -18.97
C LYS A 563 -42.61 7.75 -17.75
N ILE A 564 -43.28 7.93 -16.60
CA ILE A 564 -42.60 8.25 -15.36
C ILE A 564 -42.97 7.20 -14.31
N TYR A 565 -41.95 6.66 -13.64
CA TYR A 565 -42.14 5.70 -12.57
C TYR A 565 -41.72 6.33 -11.26
N LEU A 566 -42.62 6.29 -10.28
CA LEU A 566 -42.34 6.84 -8.95
C LEU A 566 -41.92 5.71 -8.03
N LEU A 567 -40.73 5.84 -7.45
CA LEU A 567 -40.16 4.82 -6.59
C LEU A 567 -40.22 5.29 -5.14
N LYS A 568 -40.85 4.49 -4.29
CA LYS A 568 -40.94 4.78 -2.87
C LYS A 568 -40.64 3.51 -2.09
N ASP A 569 -39.76 3.62 -1.10
CA ASP A 569 -39.34 2.54 -0.20
C ASP A 569 -39.22 1.21 -0.94
N GLY A 570 -38.57 1.26 -2.10
CA GLY A 570 -38.40 0.06 -2.92
C GLY A 570 -39.70 -0.47 -3.49
N GLU A 571 -40.63 0.42 -3.85
CA GLU A 571 -41.89 0.01 -4.45
C GLU A 571 -42.29 1.05 -5.49
N ILE A 572 -42.84 0.58 -6.60
CA ILE A 572 -43.36 1.46 -7.64
C ILE A 572 -44.81 1.78 -7.25
N VAL A 573 -45.02 2.96 -6.66
CA VAL A 573 -46.33 3.30 -6.13
C VAL A 573 -47.20 3.95 -7.21
N GLU A 574 -46.62 4.83 -8.01
CA GLU A 574 -47.35 5.54 -9.05
C GLU A 574 -46.56 5.50 -10.35
N SER A 575 -47.26 5.35 -11.46
CA SER A 575 -46.63 5.28 -12.77
C SER A 575 -47.59 5.84 -13.81
N GLY A 576 -47.03 6.57 -14.76
CA GLY A 576 -47.82 7.14 -15.83
C GLY A 576 -47.15 8.39 -16.38
N SER A 577 -47.86 9.06 -17.28
CA SER A 577 -47.38 10.30 -17.86
C SER A 577 -47.44 11.42 -16.82
N HIS A 578 -46.71 12.51 -17.11
CA HIS A 578 -46.65 13.63 -16.19
C HIS A 578 -48.03 14.22 -15.94
N THR A 579 -48.78 14.50 -17.01
CA THR A 579 -50.14 15.00 -16.85
C THR A 579 -51.01 13.96 -16.15
N GLU A 580 -50.85 12.68 -16.51
CA GLU A 580 -51.62 11.63 -15.85
C GLU A 580 -51.30 11.55 -14.37
N LEU A 581 -50.02 11.62 -14.02
CA LEU A 581 -49.63 11.53 -12.62
C LEU A 581 -50.14 12.72 -11.83
N ILE A 582 -50.08 13.93 -12.40
CA ILE A 582 -50.60 15.10 -11.72
C ILE A 582 -52.12 14.97 -11.53
N ALA A 583 -52.82 14.50 -12.57
CA ALA A 583 -54.26 14.34 -12.47
C ALA A 583 -54.64 13.34 -11.39
N LEU A 584 -53.76 12.38 -11.10
CA LEU A 584 -54.03 11.40 -10.04
C LEU A 584 -54.04 12.04 -8.66
N LYS A 585 -53.35 13.17 -8.48
CA LYS A 585 -53.28 13.86 -7.19
C LYS A 585 -52.74 12.94 -6.10
N GLY A 586 -51.75 12.13 -6.45
CA GLY A 586 -51.14 11.19 -5.54
C GLY A 586 -49.87 11.73 -4.92
N ALA A 587 -48.95 10.81 -4.58
CA ALA A 587 -47.69 11.21 -3.98
C ALA A 587 -46.86 12.06 -4.93
N TYR A 588 -46.92 11.74 -6.24
CA TYR A 588 -46.17 12.53 -7.21
C TYR A 588 -46.67 13.98 -7.24
N PHE A 589 -47.98 14.17 -7.18
CA PHE A 589 -48.53 15.52 -7.20
C PHE A 589 -48.05 16.32 -5.99
N LYS A 590 -47.97 15.66 -4.83
CA LYS A 590 -47.46 16.34 -3.65
C LYS A 590 -46.03 16.81 -3.85
N MET A 591 -45.19 15.94 -4.43
CA MET A 591 -43.80 16.33 -4.70
C MET A 591 -43.73 17.48 -5.69
N TRP A 592 -44.56 17.44 -6.74
CA TRP A 592 -44.54 18.49 -7.74
C TRP A 592 -44.97 19.82 -7.15
N LYS A 593 -46.03 19.82 -6.33
CA LYS A 593 -46.50 21.07 -5.74
C LYS A 593 -45.60 21.54 -4.61
N GLN A 594 -44.80 20.67 -4.02
CA GLN A 594 -43.89 21.09 -2.96
C GLN A 594 -42.61 21.68 -3.54
N THR A 595 -41.98 20.97 -4.48
CA THR A 595 -40.75 21.45 -5.08
C THR A 595 -40.96 22.65 -5.99
N GLU A 596 -42.20 22.93 -6.39
CA GLU A 596 -42.48 24.07 -7.25
C GLU A 596 -43.74 24.80 -6.79
N ASN B 27 20.72 14.68 10.48
CA ASN B 27 19.27 14.66 10.30
C ASN B 27 18.65 13.37 10.85
N MET B 28 18.52 12.32 10.03
CA MET B 28 18.01 11.06 10.57
C MET B 28 18.93 10.48 11.62
N MET B 29 20.24 10.75 11.52
CA MET B 29 21.17 10.29 12.54
C MET B 29 20.85 10.91 13.89
N VAL B 30 20.52 12.20 13.90
CA VAL B 30 20.13 12.86 15.15
C VAL B 30 18.81 12.30 15.67
N LYS B 31 17.88 11.97 14.76
CA LYS B 31 16.62 11.38 15.17
C LYS B 31 16.83 10.04 15.86
N PHE B 32 17.70 9.20 15.29
CA PHE B 32 17.98 7.91 15.90
C PHE B 32 18.66 8.08 17.25
N ALA B 33 19.59 9.04 17.35
CA ALA B 33 20.28 9.28 18.62
C ALA B 33 19.30 9.74 19.69
N GLY B 34 18.35 10.60 19.32
CA GLY B 34 17.38 11.07 20.29
C GLY B 34 16.56 9.95 20.90
N PHE B 35 16.17 8.97 20.09
CA PHE B 35 15.45 7.82 20.60
C PHE B 35 16.30 6.96 21.54
N LEU B 36 17.62 7.00 21.38
CA LEU B 36 18.52 6.21 22.21
C LEU B 36 18.89 6.89 23.52
N LYS B 37 18.61 8.19 23.66
CA LYS B 37 18.92 8.87 24.91
C LYS B 37 18.20 8.29 26.12
N PRO B 38 16.88 8.06 26.09
CA PRO B 38 16.22 7.51 27.29
C PRO B 38 16.71 6.12 27.67
N LEU B 39 17.08 5.29 26.70
CA LEU B 39 17.44 3.90 26.96
C LEU B 39 18.95 3.79 27.00
N LYS B 40 19.50 3.64 28.21
CA LYS B 40 20.93 3.46 28.38
C LYS B 40 21.29 2.15 29.08
N LYS B 41 20.45 1.69 30.00
CA LYS B 41 20.75 0.45 30.71
C LYS B 41 20.78 -0.73 29.74
N THR B 42 19.83 -0.78 28.80
CA THR B 42 19.86 -1.82 27.79
C THR B 42 21.09 -1.68 26.89
N VAL B 43 21.42 -0.45 26.50
CA VAL B 43 22.59 -0.23 25.64
C VAL B 43 23.86 -0.64 26.37
N LEU B 44 23.99 -0.24 27.63
CA LEU B 44 25.14 -0.66 28.42
C LEU B 44 25.18 -2.17 28.58
N ALA B 45 24.04 -2.78 28.83
CA ALA B 45 23.99 -4.24 28.94
C ALA B 45 24.29 -4.90 27.61
N ILE B 46 23.80 -4.33 26.51
CA ILE B 46 24.06 -4.91 25.20
C ILE B 46 25.55 -4.87 24.89
N PHE B 47 26.19 -3.74 25.16
CA PHE B 47 27.63 -3.63 24.90
C PHE B 47 28.42 -4.56 25.81
N LEU B 48 28.06 -4.60 27.10
CA LEU B 48 28.82 -5.41 28.03
C LEU B 48 28.63 -6.90 27.77
N ALA B 49 27.43 -7.30 27.37
CA ALA B 49 27.19 -8.70 27.05
C ALA B 49 27.98 -9.13 25.83
N SER B 50 28.22 -8.21 24.90
CA SER B 50 29.00 -8.55 23.71
C SER B 50 30.44 -8.85 24.05
N LEU B 51 31.00 -8.15 25.04
CA LEU B 51 32.38 -8.41 25.45
C LEU B 51 32.54 -9.85 25.89
N LEU B 52 31.62 -10.34 26.72
CA LEU B 52 31.68 -11.72 27.16
C LEU B 52 31.53 -12.68 25.99
N TYR B 53 30.64 -12.37 25.04
CA TYR B 53 30.44 -13.24 23.90
C TYR B 53 31.71 -13.37 23.08
N THR B 54 32.33 -12.25 22.74
CA THR B 54 33.55 -12.28 21.95
C THR B 54 34.68 -12.96 22.70
N ALA B 55 34.80 -12.68 24.01
CA ALA B 55 35.85 -13.34 24.79
C ALA B 55 35.66 -14.85 24.82
N LEU B 56 34.43 -15.31 25.00
CA LEU B 56 34.17 -16.73 25.04
C LEU B 56 34.46 -17.38 23.69
N GLY B 57 34.08 -16.71 22.60
CA GLY B 57 34.39 -17.25 21.29
C GLY B 57 35.87 -17.34 21.02
N ILE B 58 36.61 -16.29 21.40
CA ILE B 58 38.06 -16.30 21.24
C ILE B 58 38.68 -17.44 22.04
N ALA B 59 38.23 -17.61 23.29
CA ALA B 59 38.76 -18.68 24.11
C ALA B 59 38.45 -20.05 23.51
N GLY B 60 37.23 -20.22 22.98
CA GLY B 60 36.85 -21.49 22.39
C GLY B 60 37.53 -21.77 21.08
N SER B 61 38.08 -20.75 20.42
CA SER B 61 38.79 -20.98 19.17
C SER B 61 40.01 -21.88 19.38
N PHE B 62 40.73 -21.71 20.49
CA PHE B 62 41.97 -22.43 20.76
C PHE B 62 41.77 -23.93 20.93
N TYR B 63 40.56 -24.44 20.79
CA TYR B 63 40.34 -25.87 20.98
C TYR B 63 41.14 -26.68 19.97
N ILE B 64 41.15 -26.25 18.71
CA ILE B 64 41.86 -27.01 17.69
C ILE B 64 43.37 -26.97 17.94
N LYS B 65 43.87 -25.85 18.44
CA LYS B 65 45.29 -25.76 18.77
C LYS B 65 45.63 -26.72 19.90
N PHE B 66 44.84 -26.70 20.97
CA PHE B 66 45.08 -27.64 22.07
C PHE B 66 44.94 -29.08 21.60
N LEU B 67 44.15 -29.30 20.55
CA LEU B 67 43.90 -30.63 20.06
C LEU B 67 45.08 -31.16 19.25
N PHE B 68 45.72 -30.31 18.44
CA PHE B 68 46.74 -30.75 17.50
C PHE B 68 48.16 -30.50 17.98
N ASP B 69 48.33 -30.01 19.20
CA ASP B 69 49.67 -29.80 19.76
C ASP B 69 49.99 -30.70 20.93
N ASP B 70 49.02 -30.97 21.80
CA ASP B 70 49.26 -31.77 22.99
C ASP B 70 48.50 -33.09 22.97
N LEU B 71 47.17 -33.04 22.80
CA LEU B 71 46.36 -34.24 22.98
C LEU B 71 46.66 -35.28 21.91
N ILE B 72 46.61 -34.86 20.64
CA ILE B 72 46.85 -35.82 19.56
C ILE B 72 48.32 -36.23 19.52
N LYS B 73 49.22 -35.28 19.68
CA LYS B 73 50.65 -35.58 19.56
C LYS B 73 51.12 -36.53 20.66
N PHE B 74 50.69 -36.30 21.90
CA PHE B 74 51.14 -37.08 23.04
C PHE B 74 50.20 -38.20 23.42
N GLU B 75 49.11 -38.39 22.67
CA GLU B 75 48.17 -39.49 22.88
C GLU B 75 47.61 -39.50 24.30
N LYS B 76 46.94 -38.41 24.64
CA LYS B 76 46.26 -38.27 25.92
C LYS B 76 44.76 -38.43 25.70
N LEU B 77 44.15 -39.36 26.42
CA LEU B 77 42.73 -39.67 26.23
C LEU B 77 41.85 -38.98 27.27
N ASN B 78 42.14 -39.17 28.56
CA ASN B 78 41.32 -38.57 29.60
C ASN B 78 41.36 -37.04 29.50
N ASP B 79 42.55 -36.49 29.30
CA ASP B 79 42.66 -35.05 29.12
C ASP B 79 41.87 -34.58 27.91
N LEU B 80 41.80 -35.40 26.86
CA LEU B 80 40.99 -35.05 25.70
C LEU B 80 39.53 -34.89 26.08
N HIS B 81 39.00 -35.85 26.84
CA HIS B 81 37.60 -35.76 27.27
C HIS B 81 37.37 -34.54 28.15
N ILE B 82 38.28 -34.28 29.10
CA ILE B 82 38.10 -33.14 29.99
C ILE B 82 38.12 -31.84 29.21
N ILE B 83 39.06 -31.71 28.28
CA ILE B 83 39.18 -30.48 27.49
C ILE B 83 37.95 -30.29 26.61
N SER B 84 37.46 -31.38 25.99
CA SER B 84 36.28 -31.28 25.15
C SER B 84 35.07 -30.85 25.97
N ALA B 85 34.91 -31.43 27.16
CA ALA B 85 33.80 -31.02 28.02
C ALA B 85 33.91 -29.54 28.38
N GLY B 86 35.11 -29.08 28.73
CA GLY B 86 35.29 -27.68 29.07
C GLY B 86 34.94 -26.75 27.92
N PHE B 87 35.37 -27.11 26.71
CA PHE B 87 35.09 -26.24 25.57
C PHE B 87 33.60 -26.27 25.19
N ALA B 88 32.95 -27.41 25.36
CA ALA B 88 31.50 -27.45 25.15
C ALA B 88 30.79 -26.56 26.14
N VAL B 89 31.23 -26.58 27.41
CA VAL B 89 30.64 -25.69 28.41
C VAL B 89 30.83 -24.23 28.02
N ILE B 90 32.04 -23.90 27.56
CA ILE B 90 32.32 -22.52 27.16
C ILE B 90 31.40 -22.10 26.02
N PHE B 91 31.21 -22.98 25.03
CA PHE B 91 30.34 -22.63 23.92
C PHE B 91 28.90 -22.47 24.38
N LEU B 92 28.46 -23.29 25.34
CA LEU B 92 27.11 -23.13 25.87
C LEU B 92 26.92 -21.78 26.52
N LEU B 93 27.90 -21.35 27.33
CA LEU B 93 27.81 -20.01 27.91
C LEU B 93 27.78 -18.95 26.83
N GLN B 94 28.57 -19.14 25.77
CA GLN B 94 28.57 -18.19 24.67
C GLN B 94 27.19 -18.08 24.03
N ILE B 95 26.53 -19.21 23.81
CA ILE B 95 25.21 -19.18 23.21
C ILE B 95 24.20 -18.50 24.13
N PHE B 96 24.30 -18.77 25.43
CA PHE B 96 23.38 -18.12 26.36
C PHE B 96 23.55 -16.61 26.34
N LEU B 97 24.80 -16.13 26.33
CA LEU B 97 25.03 -14.70 26.24
C LEU B 97 24.47 -14.14 24.93
N ASN B 98 24.64 -14.87 23.83
CA ASN B 98 24.11 -14.40 22.55
C ASN B 98 22.60 -14.30 22.61
N TYR B 99 21.94 -15.26 23.25
CA TYR B 99 20.48 -15.25 23.38
C TYR B 99 20.01 -14.03 24.17
N TYR B 100 20.66 -13.77 25.31
CA TYR B 100 20.31 -12.62 26.12
C TYR B 100 20.49 -11.32 25.33
N ARG B 101 21.63 -11.18 24.67
CA ARG B 101 21.90 -9.96 23.90
C ARG B 101 20.91 -9.81 22.76
N SER B 102 20.53 -10.92 22.12
CA SER B 102 19.57 -10.85 21.02
C SER B 102 18.21 -10.36 21.52
N ILE B 103 17.77 -10.85 22.68
CA ILE B 103 16.51 -10.37 23.23
C ILE B 103 16.55 -8.86 23.47
N LEU B 104 17.63 -8.41 24.11
CA LEU B 104 17.72 -6.97 24.41
C LEU B 104 17.75 -6.15 23.13
N VAL B 105 18.51 -6.61 22.12
CA VAL B 105 18.61 -5.89 20.86
C VAL B 105 17.27 -5.82 20.17
N THR B 106 16.50 -6.91 20.18
CA THR B 106 15.19 -6.90 19.56
C THR B 106 14.28 -5.89 20.24
N LYS B 107 14.29 -5.85 21.57
CA LYS B 107 13.47 -4.88 22.27
C LYS B 107 13.84 -3.45 21.90
N LEU B 108 15.15 -3.16 21.86
CA LEU B 108 15.60 -1.82 21.51
C LEU B 108 15.16 -1.44 20.10
N GLY B 109 15.34 -2.36 19.15
CA GLY B 109 14.96 -2.08 17.78
C GLY B 109 13.47 -1.85 17.64
N MET B 110 12.66 -2.61 18.38
CA MET B 110 11.22 -2.40 18.32
C MET B 110 10.85 -1.03 18.84
N SER B 111 11.46 -0.61 19.94
CA SER B 111 11.16 0.73 20.46
C SER B 111 11.52 1.80 19.43
N ILE B 112 12.68 1.67 18.80
CA ILE B 112 13.10 2.67 17.82
C ILE B 112 12.15 2.70 16.63
N ASP B 113 11.77 1.53 16.13
CA ASP B 113 10.87 1.48 14.98
C ASP B 113 9.51 2.08 15.31
N LYS B 114 9.00 1.81 16.52
CA LYS B 114 7.74 2.41 16.93
C LYS B 114 7.84 3.92 16.93
N SER B 115 8.93 4.46 17.49
CA SER B 115 9.09 5.91 17.52
C SER B 115 9.12 6.48 16.11
N ILE B 116 9.85 5.84 15.20
CA ILE B 116 9.98 6.35 13.84
C ILE B 116 8.63 6.38 13.14
N MET B 117 7.91 5.27 13.18
CA MET B 117 6.62 5.21 12.49
C MET B 117 5.63 6.21 13.09
N MET B 118 5.59 6.30 14.42
CA MET B 118 4.68 7.22 15.07
C MET B 118 4.96 8.65 14.65
N GLU B 119 6.24 9.05 14.65
CA GLU B 119 6.58 10.42 14.27
C GLU B 119 6.21 10.69 12.82
N TYR B 120 6.50 9.75 11.92
CA TYR B 120 6.18 9.98 10.52
C TYR B 120 4.69 10.16 10.30
N TYR B 121 3.87 9.31 10.92
CA TYR B 121 2.43 9.44 10.74
C TYR B 121 1.91 10.75 11.33
N SER B 122 2.37 11.09 12.54
CA SER B 122 1.90 12.30 13.17
C SER B 122 2.28 13.52 12.35
N HIS B 123 3.42 13.48 11.67
CA HIS B 123 3.80 14.60 10.82
C HIS B 123 2.97 14.63 9.54
N VAL B 124 2.79 13.48 8.89
CA VAL B 124 2.08 13.48 7.62
C VAL B 124 0.63 13.90 7.79
N LEU B 125 0.09 13.71 9.00
CA LEU B 125 -1.31 14.11 9.18
C LEU B 125 -1.49 15.62 9.32
N LYS B 126 -0.40 16.40 9.34
CA LYS B 126 -0.51 17.85 9.58
C LYS B 126 0.05 18.67 8.44
N LEU B 127 0.26 18.09 7.27
CA LEU B 127 0.81 18.82 6.14
C LEU B 127 -0.26 19.70 5.50
N PRO B 128 0.14 20.72 4.76
CA PRO B 128 -0.84 21.60 4.11
C PRO B 128 -1.61 20.87 3.03
N MET B 129 -2.76 21.44 2.67
CA MET B 129 -3.67 20.78 1.75
C MET B 129 -3.07 20.67 0.35
N ASN B 130 -2.27 21.66 -0.06
CA ASN B 130 -1.69 21.61 -1.39
C ASN B 130 -0.77 20.41 -1.56
N PHE B 131 -0.18 19.94 -0.47
CA PHE B 131 0.60 18.70 -0.55
C PHE B 131 -0.27 17.53 -0.95
N PHE B 132 -1.46 17.41 -0.33
CA PHE B 132 -2.35 16.33 -0.67
C PHE B 132 -2.90 16.48 -2.07
N ASN B 133 -3.11 17.72 -2.53
CA ASN B 133 -3.55 17.93 -3.90
C ASN B 133 -2.47 17.51 -4.89
N SER B 134 -1.22 17.89 -4.64
CA SER B 134 -0.15 17.61 -5.60
C SER B 134 0.12 16.12 -5.72
N ARG B 135 0.31 15.45 -4.59
CA ARG B 135 0.64 14.02 -4.62
C ARG B 135 -0.62 13.20 -4.77
N LYS B 136 -0.42 11.90 -4.99
CA LYS B 136 -1.51 10.95 -5.07
C LYS B 136 -1.54 10.08 -3.82
N VAL B 137 -2.66 9.38 -3.63
CA VAL B 137 -2.82 8.55 -2.44
C VAL B 137 -1.81 7.41 -2.46
N GLY B 138 -1.62 6.78 -3.62
CA GLY B 138 -0.74 5.63 -3.69
C GLY B 138 0.69 5.97 -3.32
N GLU B 139 1.17 7.14 -3.74
CA GLU B 139 2.53 7.54 -3.40
C GLU B 139 2.72 7.68 -1.90
N ILE B 140 1.76 8.32 -1.23
CA ILE B 140 1.85 8.50 0.22
C ILE B 140 1.79 7.16 0.92
N ILE B 141 0.90 6.28 0.46
CA ILE B 141 0.79 4.96 1.07
C ILE B 141 2.10 4.21 0.95
N SER B 142 2.67 4.18 -0.27
CA SER B 142 3.91 3.46 -0.48
C SER B 142 5.05 4.04 0.34
N ARG B 143 5.10 5.37 0.45
CA ARG B 143 6.10 5.99 1.32
C ARG B 143 5.95 5.50 2.75
N PHE B 144 4.72 5.44 3.26
CA PHE B 144 4.52 5.00 4.64
C PHE B 144 4.97 3.56 4.82
N MET B 145 4.50 2.66 3.96
CA MET B 145 4.72 1.24 4.23
C MET B 145 6.13 0.79 3.89
N ASP B 146 6.92 1.64 3.23
CA ASP B 146 8.33 1.33 3.04
C ASP B 146 9.09 1.35 4.35
N ALA B 147 8.49 1.87 5.42
CA ALA B 147 9.11 1.81 6.74
C ALA B 147 9.28 0.37 7.23
N SER B 148 8.53 -0.57 6.65
CA SER B 148 8.74 -1.98 7.00
C SER B 148 10.14 -2.43 6.62
N LYS B 149 10.71 -1.85 5.56
CA LYS B 149 12.09 -2.15 5.20
C LYS B 149 13.04 -1.72 6.31
N ILE B 150 12.77 -0.57 6.93
CA ILE B 150 13.59 -0.12 8.04
C ILE B 150 13.47 -1.07 9.22
N ARG B 151 12.28 -1.63 9.42
CA ARG B 151 12.10 -2.59 10.51
C ARG B 151 13.01 -3.80 10.34
N GLN B 152 13.16 -4.28 9.11
CA GLN B 152 14.00 -5.44 8.86
C GLN B 152 15.46 -5.14 9.20
N ALA B 153 15.94 -3.96 8.83
CA ALA B 153 17.34 -3.62 9.09
C ALA B 153 17.61 -3.49 10.59
N ILE B 154 16.69 -2.85 11.32
CA ILE B 154 16.88 -2.64 12.75
C ILE B 154 16.60 -3.90 13.56
N SER B 155 16.10 -4.96 12.92
CA SER B 155 15.77 -6.18 13.62
C SER B 155 17.00 -6.74 14.34
N GLY B 156 16.73 -7.60 15.33
CA GLY B 156 17.79 -8.09 16.19
C GLY B 156 18.83 -8.91 15.44
N ALA B 157 18.38 -9.78 14.54
CA ALA B 157 19.31 -10.64 13.82
C ALA B 157 20.31 -9.80 13.01
N THR B 158 19.82 -8.75 12.36
CA THR B 158 20.72 -7.88 11.61
C THR B 158 21.56 -7.02 12.55
N LEU B 159 20.93 -6.39 13.53
CA LEU B 159 21.64 -5.40 14.33
C LEU B 159 22.72 -6.06 15.19
N THR B 160 22.60 -7.37 15.43
CA THR B 160 23.68 -8.09 16.08
C THR B 160 24.96 -8.05 15.25
N ILE B 161 24.82 -8.12 13.93
CA ILE B 161 25.98 -8.29 13.05
C ILE B 161 26.94 -7.12 13.15
N MET B 162 26.43 -5.88 13.13
CA MET B 162 27.33 -4.74 13.30
C MET B 162 28.04 -4.77 14.64
N ILE B 163 27.33 -5.14 15.71
CA ILE B 163 27.98 -5.17 17.02
C ILE B 163 29.21 -6.07 16.99
N ASP B 164 29.11 -7.21 16.30
CA ASP B 164 30.27 -8.07 16.14
C ASP B 164 31.38 -7.37 15.37
N THR B 165 31.01 -6.53 14.40
CA THR B 165 32.02 -5.83 13.62
C THR B 165 32.81 -4.84 14.47
N ILE B 166 32.13 -4.10 15.36
CA ILE B 166 32.86 -3.27 16.30
C ILE B 166 33.73 -4.13 17.21
N MET B 167 33.24 -5.31 17.59
CA MET B 167 34.00 -6.19 18.47
C MET B 167 35.18 -6.84 17.77
N ALA B 168 35.30 -6.72 16.45
CA ALA B 168 36.40 -7.33 15.72
C ALA B 168 37.74 -6.68 16.01
N VAL B 169 37.76 -5.54 16.69
CA VAL B 169 39.03 -4.91 17.04
C VAL B 169 39.83 -5.81 17.98
N ILE B 170 39.16 -6.43 18.95
CA ILE B 170 39.84 -7.35 19.87
C ILE B 170 40.43 -8.51 19.09
N GLY B 171 39.66 -9.07 18.16
CA GLY B 171 40.18 -10.15 17.33
C GLY B 171 41.40 -9.71 16.53
N GLY B 172 41.35 -8.52 15.96
CA GLY B 172 42.50 -8.04 15.21
C GLY B 172 43.74 -7.88 16.07
N ILE B 173 43.56 -7.33 17.27
CA ILE B 173 44.68 -7.19 18.18
C ILE B 173 45.27 -8.56 18.52
N LEU B 174 44.39 -9.53 18.79
CA LEU B 174 44.88 -10.85 19.15
C LEU B 174 45.62 -11.51 17.99
N LEU B 175 45.10 -11.39 16.78
CA LEU B 175 45.79 -11.95 15.62
C LEU B 175 47.15 -11.29 15.41
N TYR B 176 47.22 -9.97 15.57
CA TYR B 176 48.51 -9.30 15.45
C TYR B 176 49.49 -9.81 16.51
N ILE B 177 48.99 -10.04 17.74
CA ILE B 177 49.85 -10.55 18.79
C ILE B 177 50.35 -11.96 18.44
N GLN B 178 49.48 -12.79 17.88
CA GLN B 178 49.84 -14.17 17.57
C GLN B 178 50.96 -14.22 16.54
N ASN B 179 50.69 -13.75 15.33
CA ASN B 179 51.66 -13.81 14.24
C ASN B 179 51.59 -12.53 13.44
N SER B 180 52.63 -11.71 13.54
CA SER B 180 52.62 -10.42 12.85
C SER B 180 52.59 -10.60 11.34
N SER B 181 53.36 -11.55 10.81
CA SER B 181 53.46 -11.70 9.37
C SER B 181 52.11 -12.08 8.76
N LEU B 182 51.38 -12.99 9.41
CA LEU B 182 50.06 -13.36 8.91
C LEU B 182 49.04 -12.26 9.11
N PHE B 183 49.27 -11.33 10.04
CA PHE B 183 48.31 -10.28 10.26
C PHE B 183 48.19 -9.37 9.05
N PHE B 184 49.32 -9.05 8.40
CA PHE B 184 49.23 -8.27 7.18
C PHE B 184 48.90 -9.18 6.01
N ILE B 185 47.93 -10.07 6.22
CA ILE B 185 47.25 -10.77 5.13
C ILE B 185 45.74 -10.70 5.27
N SER B 186 45.21 -10.53 6.47
CA SER B 186 43.80 -10.30 6.70
C SER B 186 43.47 -8.82 6.60
N PHE B 187 44.41 -7.97 6.97
CA PHE B 187 44.21 -6.52 6.81
C PHE B 187 43.98 -6.16 5.36
N ILE B 188 44.77 -6.74 4.45
CA ILE B 188 44.58 -6.51 3.03
C ILE B 188 43.20 -6.98 2.59
N ILE B 189 42.73 -8.09 3.15
CA ILE B 189 41.41 -8.59 2.82
C ILE B 189 40.34 -7.57 3.23
N ILE B 190 40.49 -6.96 4.40
CA ILE B 190 39.52 -5.97 4.84
C ILE B 190 39.58 -4.73 3.97
N LEU B 191 40.79 -4.33 3.54
CA LEU B 191 40.89 -3.21 2.61
C LEU B 191 40.16 -3.50 1.31
N LEU B 192 40.32 -4.71 0.77
CA LEU B 192 39.61 -5.06 -0.44
C LEU B 192 38.10 -5.05 -0.20
N TYR B 193 37.66 -5.56 0.94
CA TYR B 193 36.24 -5.50 1.29
C TYR B 193 35.74 -4.06 1.27
N GLY B 194 36.46 -3.15 1.91
CA GLY B 194 36.00 -1.77 1.97
C GLY B 194 35.96 -1.11 0.61
N ILE B 195 36.97 -1.35 -0.21
CA ILE B 195 36.99 -0.78 -1.56
C ILE B 195 35.77 -1.26 -2.34
N ILE B 196 35.52 -2.57 -2.32
CA ILE B 196 34.36 -3.11 -3.01
C ILE B 196 33.07 -2.51 -2.45
N VAL B 197 33.03 -2.32 -1.12
CA VAL B 197 31.82 -1.83 -0.48
C VAL B 197 31.47 -0.43 -0.98
N THR B 198 32.46 0.46 -1.05
CA THR B 198 32.16 1.81 -1.53
C THR B 198 31.77 1.79 -3.01
N VAL B 199 32.57 1.08 -3.81
CA VAL B 199 32.38 1.08 -5.25
C VAL B 199 30.99 0.58 -5.61
N PHE B 200 30.51 -0.43 -4.89
CA PHE B 200 29.14 -0.90 -5.11
C PHE B 200 28.13 -0.20 -4.22
N ASN B 201 28.58 0.64 -3.28
CA ASN B 201 27.65 1.39 -2.43
C ASN B 201 26.94 2.47 -3.23
N LYS B 202 27.68 3.16 -4.09
CA LYS B 202 27.02 4.21 -4.86
C LYS B 202 25.93 3.66 -5.78
N PRO B 203 26.24 2.81 -6.77
CA PRO B 203 25.18 2.39 -7.71
C PRO B 203 24.08 1.58 -7.07
N ILE B 204 24.36 0.81 -6.02
CA ILE B 204 23.29 0.05 -5.36
C ILE B 204 22.27 1.00 -4.76
N GLN B 205 22.74 2.08 -4.12
CA GLN B 205 21.82 3.07 -3.60
C GLN B 205 21.00 3.70 -4.72
N ASN B 206 21.64 4.02 -5.85
CA ASN B 206 20.90 4.59 -6.96
C ASN B 206 19.82 3.63 -7.45
N ALA B 207 20.15 2.35 -7.58
CA ALA B 207 19.20 1.37 -8.10
C ALA B 207 18.05 1.15 -7.12
N ASN B 208 18.34 1.12 -5.81
CA ASN B 208 17.26 0.97 -4.84
C ASN B 208 16.33 2.17 -4.87
N ARG B 209 16.87 3.37 -5.00
CA ARG B 209 16.00 4.53 -5.12
C ARG B 209 15.12 4.42 -6.37
N GLN B 210 15.71 3.99 -7.48
CA GLN B 210 14.96 3.85 -8.71
C GLN B 210 13.83 2.84 -8.57
N ILE B 211 14.12 1.68 -7.96
CA ILE B 211 13.09 0.65 -7.85
C ILE B 211 12.00 1.09 -6.88
N MET B 212 12.35 1.80 -5.82
CA MET B 212 11.31 2.31 -4.92
C MET B 212 10.41 3.32 -5.63
N GLU B 213 10.99 4.22 -6.41
CA GLU B 213 10.18 5.17 -7.16
C GLU B 213 9.26 4.45 -8.14
N ASP B 214 9.78 3.45 -8.83
CA ASP B 214 8.97 2.72 -9.81
C ASP B 214 7.84 1.96 -9.13
N ASN B 215 8.12 1.34 -7.99
CA ASN B 215 7.09 0.60 -7.29
C ASN B 215 6.02 1.55 -6.74
N ALA B 216 6.44 2.74 -6.29
CA ALA B 216 5.46 3.73 -5.87
C ALA B 216 4.56 4.15 -7.03
N LYS B 217 5.15 4.32 -8.22
CA LYS B 217 4.33 4.61 -9.39
C LYS B 217 3.35 3.49 -9.67
N LEU B 218 3.80 2.24 -9.54
CA LEU B 218 2.89 1.11 -9.76
C LEU B 218 1.74 1.10 -8.76
N THR B 219 2.03 1.37 -7.49
CA THR B 219 0.99 1.30 -6.47
C THR B 219 -0.11 2.34 -6.71
N SER B 220 0.28 3.55 -7.12
CA SER B 220 -0.70 4.61 -7.31
C SER B 220 -1.71 4.25 -8.41
N ALA B 221 -1.23 3.70 -9.52
CA ALA B 221 -2.14 3.32 -10.60
C ALA B 221 -3.04 2.16 -10.21
N LEU B 222 -2.62 1.36 -9.23
CA LEU B 222 -3.46 0.26 -8.78
C LEU B 222 -4.63 0.76 -7.92
N VAL B 223 -4.37 1.72 -7.04
CA VAL B 223 -5.43 2.31 -6.24
C VAL B 223 -6.45 2.99 -7.14
N GLU B 224 -5.98 3.72 -8.15
CA GLU B 224 -6.90 4.34 -9.10
C GLU B 224 -7.75 3.30 -9.80
N SER B 225 -7.16 2.15 -10.14
CA SER B 225 -7.92 1.08 -10.75
C SER B 225 -9.00 0.55 -9.81
N VAL B 226 -8.67 0.40 -8.53
CA VAL B 226 -9.65 -0.14 -7.59
C VAL B 226 -10.78 0.86 -7.36
N LYS B 227 -10.46 2.15 -7.25
CA LYS B 227 -11.49 3.14 -6.98
C LYS B 227 -12.52 3.20 -8.10
N GLY B 228 -12.06 3.16 -9.34
CA GLY B 228 -12.97 3.26 -10.47
C GLY B 228 -13.34 1.92 -11.05
N ILE B 229 -13.52 0.91 -10.19
CA ILE B 229 -13.86 -0.42 -10.68
C ILE B 229 -15.22 -0.42 -11.34
N GLU B 230 -16.15 0.39 -10.83
CA GLU B 230 -17.48 0.44 -11.42
C GLU B 230 -17.43 0.94 -12.86
N THR B 231 -16.71 2.04 -13.09
CA THR B 231 -16.60 2.59 -14.44
C THR B 231 -15.88 1.63 -15.37
N ILE B 232 -14.79 1.03 -14.89
CA ILE B 232 -14.03 0.09 -15.70
C ILE B 232 -14.91 -1.08 -16.13
N LYS B 233 -15.66 -1.64 -15.18
CA LYS B 233 -16.55 -2.73 -15.51
C LYS B 233 -17.65 -2.28 -16.47
N SER B 234 -18.20 -1.08 -16.26
CA SER B 234 -19.29 -0.62 -17.10
C SER B 234 -18.84 -0.44 -18.54
N PHE B 235 -17.63 0.07 -18.76
CA PHE B 235 -17.14 0.29 -20.11
C PHE B 235 -16.35 -0.88 -20.65
N GLY B 236 -16.23 -1.97 -19.89
CA GLY B 236 -15.52 -3.15 -20.37
C GLY B 236 -14.05 -2.89 -20.64
N ALA B 237 -13.39 -2.12 -19.76
CA ALA B 237 -12.01 -1.74 -19.95
C ALA B 237 -11.05 -2.53 -19.09
N GLU B 238 -11.43 -3.75 -18.68
CA GLU B 238 -10.52 -4.57 -17.89
C GLU B 238 -9.28 -4.94 -18.67
N GLU B 239 -9.44 -5.35 -19.93
CA GLU B 239 -8.30 -5.74 -20.75
C GLU B 239 -7.38 -4.54 -20.99
N GLN B 240 -7.95 -3.39 -21.31
CA GLN B 240 -7.15 -2.19 -21.50
C GLN B 240 -6.42 -1.81 -20.22
N THR B 241 -7.07 -1.97 -19.07
CA THR B 241 -6.44 -1.61 -17.81
C THR B 241 -5.28 -2.54 -17.48
N GLU B 242 -5.48 -3.85 -17.65
CA GLU B 242 -4.39 -4.78 -17.35
C GLU B 242 -3.24 -4.61 -18.33
N LYS B 243 -3.55 -4.24 -19.58
CA LYS B 243 -2.48 -3.93 -20.53
C LYS B 243 -1.71 -2.70 -20.10
N SER B 244 -2.41 -1.71 -19.52
CA SER B 244 -1.71 -0.53 -19.01
C SER B 244 -0.82 -0.90 -17.83
N THR B 245 -1.28 -1.80 -16.97
CA THR B 245 -0.49 -2.20 -15.81
C THR B 245 0.74 -3.01 -16.22
N ARG B 246 0.74 -3.59 -17.42
CA ARG B 246 1.91 -4.30 -17.92
C ARG B 246 3.15 -3.42 -17.88
N ASP B 247 3.04 -2.23 -18.45
CA ASP B 247 4.22 -1.36 -18.59
C ASP B 247 4.81 -1.03 -17.23
N LYS B 248 3.96 -0.86 -16.21
CA LYS B 248 4.46 -0.57 -14.87
C LYS B 248 5.09 -1.80 -14.25
N ILE B 249 4.44 -2.96 -14.41
CA ILE B 249 5.03 -4.22 -13.93
C ILE B 249 6.31 -4.52 -14.68
N GLU B 250 6.30 -4.34 -16.00
CA GLU B 250 7.51 -4.56 -16.79
C GLU B 250 8.63 -3.64 -16.35
N THR B 251 8.32 -2.37 -16.09
CA THR B 251 9.36 -1.44 -15.65
C THR B 251 9.90 -1.83 -14.29
N VAL B 252 9.03 -2.27 -13.38
CA VAL B 252 9.49 -2.73 -12.07
C VAL B 252 10.42 -3.91 -12.23
N MET B 253 10.07 -4.86 -13.12
CA MET B 253 10.93 -6.02 -13.32
C MET B 253 12.27 -5.62 -13.93
N LYS B 254 12.26 -4.67 -14.87
CA LYS B 254 13.52 -4.20 -15.45
C LYS B 254 14.39 -3.55 -14.39
N SER B 255 13.80 -2.71 -13.55
CA SER B 255 14.58 -2.05 -12.50
C SER B 255 15.11 -3.06 -11.49
N SER B 256 14.34 -4.09 -11.19
CA SER B 256 14.80 -5.13 -10.27
C SER B 256 15.95 -5.92 -10.88
N PHE B 257 15.81 -6.31 -12.14
CA PHE B 257 16.84 -7.10 -12.81
C PHE B 257 18.15 -6.32 -12.93
N LYS B 258 18.05 -5.04 -13.31
CA LYS B 258 19.25 -4.21 -13.33
C LYS B 258 19.83 -4.08 -11.93
N GLU B 259 18.97 -3.99 -10.92
CA GLU B 259 19.42 -3.97 -9.54
C GLU B 259 19.86 -5.35 -9.08
N GLY B 260 19.38 -6.41 -9.75
CA GLY B 260 19.80 -7.75 -9.39
C GLY B 260 21.26 -8.01 -9.68
N MET B 261 21.73 -7.60 -10.86
CA MET B 261 23.11 -7.86 -11.24
C MET B 261 24.09 -7.09 -10.36
N LEU B 262 23.66 -5.96 -9.82
CA LEU B 262 24.53 -5.26 -8.88
C LEU B 262 24.81 -6.09 -7.65
N TYR B 263 23.87 -6.96 -7.26
CA TYR B 263 24.11 -7.85 -6.14
C TYR B 263 24.99 -9.03 -6.51
N ILE B 264 24.77 -9.61 -7.70
CA ILE B 264 25.56 -10.75 -8.12
C ILE B 264 27.02 -10.35 -8.29
N ASN B 265 27.26 -9.20 -8.93
CA ASN B 265 28.64 -8.72 -9.07
C ASN B 265 29.26 -8.46 -7.71
N LEU B 266 28.52 -7.82 -6.80
CA LEU B 266 29.02 -7.60 -5.45
C LEU B 266 29.28 -8.92 -4.75
N SER B 267 28.34 -9.86 -4.84
CA SER B 267 28.50 -11.14 -4.16
C SER B 267 29.69 -11.90 -4.71
N SER B 268 29.89 -11.88 -6.03
CA SER B 268 30.99 -12.62 -6.62
C SER B 268 32.32 -11.98 -6.27
N LEU B 269 32.40 -10.65 -6.31
CA LEU B 269 33.65 -9.97 -5.96
C LEU B 269 34.00 -10.20 -4.49
N THR B 270 33.00 -10.18 -3.61
CA THR B 270 33.26 -10.51 -2.21
C THR B 270 33.69 -11.96 -2.06
N GLY B 271 33.03 -12.87 -2.79
CA GLY B 271 33.39 -14.27 -2.70
C GLY B 271 34.79 -14.54 -3.23
N ILE B 272 35.24 -13.74 -4.18
CA ILE B 272 36.62 -13.87 -4.67
C ILE B 272 37.60 -13.58 -3.54
N VAL B 273 37.38 -12.48 -2.82
CA VAL B 273 38.30 -12.10 -1.76
C VAL B 273 38.21 -13.07 -0.60
N ALA B 274 36.99 -13.46 -0.22
CA ALA B 274 36.81 -14.29 0.98
C ALA B 274 37.48 -15.65 0.81
N GLY B 275 37.16 -16.36 -0.27
CA GLY B 275 37.71 -17.69 -0.45
C GLY B 275 39.19 -17.68 -0.77
N LEU B 276 39.60 -16.80 -1.70
CA LEU B 276 41.01 -16.75 -2.07
C LEU B 276 41.85 -16.23 -0.91
N GLY B 277 41.27 -15.38 -0.06
CA GLY B 277 41.98 -14.97 1.14
C GLY B 277 42.30 -16.13 2.05
N GLY B 278 41.35 -17.06 2.20
CA GLY B 278 41.62 -18.24 3.00
C GLY B 278 42.72 -19.11 2.43
N ILE B 279 42.72 -19.31 1.12
CA ILE B 279 43.77 -20.09 0.48
C ILE B 279 45.12 -19.43 0.68
N VAL B 280 45.17 -18.11 0.51
CA VAL B 280 46.43 -17.39 0.69
C VAL B 280 46.92 -17.49 2.12
N ILE B 281 46.00 -17.36 3.08
CA ILE B 281 46.38 -17.44 4.49
C ILE B 281 46.93 -18.84 4.81
N LEU B 282 46.25 -19.88 4.30
CA LEU B 282 46.74 -21.23 4.53
C LEU B 282 48.10 -21.44 3.88
N TRP B 283 48.30 -20.91 2.69
CA TRP B 283 49.59 -21.04 2.01
C TRP B 283 50.70 -20.38 2.81
N ALA B 284 50.45 -19.15 3.27
CA ALA B 284 51.45 -18.44 4.06
C ALA B 284 51.73 -19.15 5.37
N GLY B 285 50.68 -19.67 6.02
CA GLY B 285 50.88 -20.40 7.25
C GLY B 285 51.68 -21.67 7.06
N ALA B 286 51.41 -22.39 5.98
CA ALA B 286 52.19 -23.58 5.67
C ALA B 286 53.65 -23.21 5.42
N TYR B 287 53.89 -22.09 4.73
CA TYR B 287 55.26 -21.66 4.51
C TYR B 287 55.95 -21.35 5.84
N ASN B 288 55.26 -20.65 6.74
CA ASN B 288 55.85 -20.34 8.04
C ASN B 288 56.15 -21.62 8.82
N VAL B 289 55.23 -22.58 8.81
CA VAL B 289 55.44 -23.82 9.54
C VAL B 289 56.65 -24.57 8.96
N ILE B 290 56.75 -24.62 7.63
CA ILE B 290 57.91 -25.25 7.00
C ILE B 290 59.19 -24.54 7.44
N LYS B 291 59.15 -23.22 7.50
CA LYS B 291 60.30 -22.48 8.00
C LYS B 291 60.45 -22.60 9.50
N GLY B 292 59.64 -23.42 10.17
CA GLY B 292 59.76 -23.60 11.61
C GLY B 292 59.49 -22.36 12.41
N ASN B 293 58.40 -21.66 12.10
CA ASN B 293 58.08 -20.41 12.76
C ASN B 293 57.04 -20.55 13.86
N MET B 294 55.94 -21.27 13.62
CA MET B 294 54.85 -21.27 14.58
C MET B 294 54.19 -22.63 14.80
N SER B 295 54.63 -23.69 14.14
CA SER B 295 54.06 -25.03 14.28
C SER B 295 52.62 -25.11 13.77
N GLY B 296 52.18 -26.31 13.40
CA GLY B 296 50.89 -26.46 12.76
C GLY B 296 49.72 -26.11 13.65
N GLY B 297 49.84 -26.40 14.95
CA GLY B 297 48.74 -26.12 15.86
C GLY B 297 48.39 -24.65 15.92
N GLN B 298 49.41 -23.78 15.98
CA GLN B 298 49.14 -22.35 15.99
C GLN B 298 48.55 -21.89 14.66
N LEU B 299 48.96 -22.53 13.56
CA LEU B 299 48.35 -22.20 12.27
C LEU B 299 46.86 -22.52 12.26
N LEU B 300 46.50 -23.71 12.77
CA LEU B 300 45.08 -24.06 12.81
C LEU B 300 44.31 -23.14 13.76
N ALA B 301 44.93 -22.78 14.89
CA ALA B 301 44.29 -21.83 15.79
C ALA B 301 44.07 -20.49 15.13
N PHE B 302 45.07 -20.01 14.37
CA PHE B 302 44.92 -18.75 13.66
C PHE B 302 43.81 -18.83 12.62
N ASN B 303 43.75 -19.94 11.89
CA ASN B 303 42.70 -20.09 10.88
C ASN B 303 41.31 -20.11 11.51
N ALA B 304 41.16 -20.81 12.63
CA ALA B 304 39.85 -20.89 13.26
C ALA B 304 39.46 -19.57 13.92
N LEU B 305 40.42 -18.94 14.62
CA LEU B 305 40.16 -17.66 15.27
C LEU B 305 39.85 -16.56 14.26
N LEU B 306 40.22 -16.77 12.99
CA LEU B 306 39.91 -15.80 11.95
C LEU B 306 38.41 -15.62 11.79
N ALA B 307 37.60 -16.58 12.26
CA ALA B 307 36.15 -16.46 12.19
C ALA B 307 35.60 -15.36 13.08
N TYR B 308 36.41 -14.79 13.97
CA TYR B 308 36.00 -13.66 14.80
C TYR B 308 36.65 -12.36 14.36
N PHE B 309 37.28 -12.34 13.20
CA PHE B 309 37.88 -11.13 12.66
C PHE B 309 37.46 -10.85 11.23
N LEU B 310 37.23 -11.88 10.42
CA LEU B 310 36.81 -11.71 9.04
C LEU B 310 35.35 -12.06 8.81
N THR B 311 34.90 -13.21 9.33
CA THR B 311 33.50 -13.59 9.16
C THR B 311 32.52 -12.54 9.66
N PRO B 312 32.72 -11.89 10.81
CA PRO B 312 31.82 -10.77 11.16
C PRO B 312 31.82 -9.67 10.11
N VAL B 313 32.98 -9.36 9.54
CA VAL B 313 33.04 -8.37 8.47
C VAL B 313 32.38 -8.91 7.21
N LYS B 314 32.67 -10.16 6.87
CA LYS B 314 32.08 -10.75 5.67
C LYS B 314 30.56 -10.81 5.78
N ASN B 315 30.04 -11.16 6.96
CA ASN B 315 28.59 -11.18 7.14
C ASN B 315 28.00 -9.79 7.00
N LEU B 316 28.69 -8.77 7.53
CA LEU B 316 28.18 -7.41 7.42
C LEU B 316 28.12 -6.95 5.96
N ILE B 317 29.13 -7.29 5.17
CA ILE B 317 29.13 -6.90 3.76
C ILE B 317 28.01 -7.61 3.01
N ASP B 318 27.71 -8.85 3.38
CA ASP B 318 26.63 -9.58 2.73
C ASP B 318 25.27 -8.94 2.98
N LEU B 319 25.15 -8.11 4.03
CA LEU B 319 23.91 -7.43 4.34
C LEU B 319 23.83 -6.03 3.76
N GLN B 320 24.85 -5.59 3.03
CA GLN B 320 24.79 -4.29 2.38
C GLN B 320 23.59 -4.11 1.46
N PRO B 321 23.18 -5.11 0.68
CA PRO B 321 21.91 -4.96 -0.07
C PRO B 321 20.73 -4.61 0.81
N LEU B 322 20.63 -5.22 2.00
CA LEU B 322 19.50 -4.97 2.86
C LEU B 322 19.63 -3.63 3.58
N ILE B 323 20.84 -3.27 3.99
CA ILE B 323 21.04 -2.01 4.69
C ILE B 323 20.83 -0.83 3.74
N GLN B 324 21.26 -0.97 2.48
CA GLN B 324 21.07 0.11 1.52
C GLN B 324 19.59 0.38 1.28
N THR B 325 18.78 -0.67 1.27
CA THR B 325 17.34 -0.49 1.11
C THR B 325 16.75 0.35 2.23
N ALA B 326 17.15 0.07 3.47
CA ALA B 326 16.63 0.82 4.61
C ALA B 326 17.05 2.28 4.55
N VAL B 327 18.29 2.54 4.12
CA VAL B 327 18.76 3.92 4.04
C VAL B 327 17.94 4.70 3.02
N VAL B 328 17.67 4.09 1.87
CA VAL B 328 16.88 4.78 0.84
C VAL B 328 15.46 4.99 1.32
N ALA B 329 14.87 4.00 2.00
CA ALA B 329 13.52 4.16 2.53
C ALA B 329 13.46 5.30 3.53
N SER B 330 14.45 5.37 4.43
CA SER B 330 14.48 6.44 5.42
C SER B 330 14.67 7.79 4.74
N ASN B 331 15.50 7.85 3.69
CA ASN B 331 15.67 9.09 2.96
C ASN B 331 14.36 9.53 2.32
N ARG B 332 13.61 8.59 1.76
CA ARG B 332 12.32 8.93 1.17
C ARG B 332 11.35 9.43 2.23
N LEU B 333 11.34 8.79 3.39
CA LEU B 333 10.55 9.31 4.51
C LEU B 333 11.06 10.68 4.94
N GLY B 334 12.36 10.90 4.82
CA GLY B 334 12.93 12.19 5.21
C GLY B 334 12.41 13.33 4.37
N GLU B 335 12.10 13.07 3.10
CA GLU B 335 11.58 14.12 2.23
C GLU B 335 10.26 14.67 2.77
N ILE B 336 9.37 13.78 3.22
CA ILE B 336 8.09 14.21 3.75
C ILE B 336 8.29 14.95 5.07
N LEU B 337 9.12 14.42 5.95
CA LEU B 337 9.33 15.05 7.25
C LEU B 337 9.97 16.42 7.13
N GLU B 338 10.67 16.70 6.04
CA GLU B 338 11.26 18.02 5.85
C GLU B 338 10.23 19.06 5.46
N LEU B 339 9.07 18.64 4.96
CA LEU B 339 8.04 19.59 4.55
C LEU B 339 7.45 20.27 5.77
N ALA B 340 7.32 21.59 5.70
CA ALA B 340 6.79 22.35 6.82
C ALA B 340 5.30 22.05 7.01
N THR B 341 4.87 21.97 8.26
CA THR B 341 3.49 21.67 8.56
C THR B 341 2.60 22.87 8.29
N GLU B 342 1.29 22.65 8.39
CA GLU B 342 0.34 23.73 8.17
C GLU B 342 0.50 24.84 9.21
N LYS B 343 0.72 24.47 10.47
CA LYS B 343 0.84 25.46 11.52
C LYS B 343 2.16 26.22 11.42
N GLU B 344 3.22 25.56 10.97
CA GLU B 344 4.53 26.21 10.92
C GLU B 344 4.52 27.38 9.95
N LEU B 345 3.87 27.22 8.80
CA LEU B 345 3.82 28.30 7.82
C LEU B 345 3.08 29.53 8.35
N ARG B 346 2.16 29.34 9.29
CA ARG B 346 1.32 30.44 9.75
C ARG B 346 2.14 31.46 10.54
N GLU B 347 1.81 32.73 10.33
CA GLU B 347 2.48 33.83 11.01
C GLU B 347 2.01 33.90 12.46
N ASP B 348 2.72 34.70 13.25
CA ASP B 348 2.43 34.82 14.68
C ASP B 348 0.97 35.17 14.91
N SER B 349 0.32 34.44 15.82
CA SER B 349 -1.11 34.53 16.03
C SER B 349 -1.42 35.52 17.14
N ASP B 350 -2.33 36.44 16.85
CA ASP B 350 -2.80 37.36 17.87
C ASP B 350 -3.66 36.63 18.90
N ASP B 351 -3.38 36.84 20.18
CA ASP B 351 -4.10 36.17 21.25
C ASP B 351 -5.27 36.99 21.77
N PHE B 352 -5.51 38.17 21.23
CA PHE B 352 -6.61 39.01 21.69
C PHE B 352 -7.94 38.66 21.05
N VAL B 353 -7.98 37.69 20.16
CA VAL B 353 -9.20 37.26 19.49
C VAL B 353 -9.60 35.89 20.03
N ILE B 354 -10.86 35.76 20.42
CA ILE B 354 -11.38 34.49 20.91
C ILE B 354 -12.63 34.02 20.19
N SER B 355 -13.39 34.92 19.55
CA SER B 355 -14.60 34.53 18.85
C SER B 355 -14.60 35.15 17.46
N LEU B 356 -15.02 34.39 16.47
CA LEU B 356 -15.11 34.88 15.10
C LEU B 356 -16.45 35.56 14.84
N LYS B 357 -16.80 36.51 15.70
CA LYS B 357 -18.04 37.26 15.59
C LYS B 357 -17.73 38.63 14.99
N GLY B 358 -18.43 38.98 13.94
CA GLY B 358 -18.20 40.25 13.28
C GLY B 358 -18.53 40.12 11.80
N ASP B 359 -17.93 40.99 11.00
CA ASP B 359 -18.16 41.05 9.57
C ASP B 359 -17.01 40.36 8.84
N ILE B 360 -17.33 39.40 8.00
CA ILE B 360 -16.35 38.75 7.15
C ILE B 360 -16.21 39.60 5.88
N GLU B 361 -15.00 40.05 5.60
CA GLU B 361 -14.75 40.93 4.46
C GLU B 361 -13.64 40.36 3.59
N PHE B 362 -13.87 40.41 2.28
CA PHE B 362 -12.85 40.08 1.29
C PHE B 362 -12.40 41.38 0.63
N ARG B 363 -11.09 41.54 0.45
CA ARG B 363 -10.52 42.75 -0.13
C ARG B 363 -9.54 42.36 -1.23
N ASN B 364 -10.01 42.47 -2.49
CA ASN B 364 -9.17 42.24 -3.66
C ASN B 364 -8.49 40.88 -3.60
N VAL B 365 -9.25 39.87 -3.21
CA VAL B 365 -8.71 38.53 -3.05
C VAL B 365 -8.54 37.88 -4.42
N ASP B 366 -7.35 37.36 -4.70
CA ASP B 366 -7.08 36.61 -5.91
C ASP B 366 -6.43 35.29 -5.53
N PHE B 367 -6.83 34.22 -6.20
CA PHE B 367 -6.32 32.90 -5.87
C PHE B 367 -6.26 32.05 -7.12
N ARG B 368 -5.23 31.20 -7.20
CA ARG B 368 -5.07 30.26 -8.30
C ARG B 368 -4.52 28.96 -7.75
N TYR B 369 -5.08 27.84 -8.23
CA TYR B 369 -4.69 26.53 -7.73
C TYR B 369 -3.34 26.15 -8.35
N GLY B 370 -2.28 26.75 -7.82
CA GLY B 370 -0.94 26.47 -8.30
C GLY B 370 -0.44 27.51 -9.27
N LEU B 371 -0.17 27.09 -10.51
CA LEU B 371 0.32 28.00 -11.55
C LEU B 371 -0.64 28.15 -12.71
N ARG B 372 -1.84 27.59 -12.60
CA ARG B 372 -2.79 27.60 -13.71
C ARG B 372 -3.48 28.96 -13.79
N LYS B 373 -4.53 29.03 -14.60
CA LYS B 373 -5.28 30.27 -14.75
C LYS B 373 -5.91 30.66 -13.41
N PRO B 374 -6.03 31.96 -13.13
CA PRO B 374 -6.61 32.38 -11.85
C PRO B 374 -8.06 31.94 -11.74
N VAL B 375 -8.44 31.54 -10.54
CA VAL B 375 -9.80 31.09 -10.26
C VAL B 375 -10.67 32.22 -9.72
N LEU B 376 -10.14 33.02 -8.81
CA LEU B 376 -10.83 34.18 -8.26
C LEU B 376 -10.08 35.44 -8.64
N LYS B 377 -10.78 36.41 -9.20
CA LYS B 377 -10.18 37.63 -9.71
C LYS B 377 -10.84 38.84 -9.05
N ASN B 378 -10.14 39.45 -8.11
CA ASN B 378 -10.55 40.71 -7.48
C ASN B 378 -11.93 40.59 -6.85
N ILE B 379 -12.04 39.74 -5.84
CA ILE B 379 -13.28 39.52 -5.12
C ILE B 379 -13.34 40.48 -3.94
N ASN B 380 -14.46 41.19 -3.82
CA ASN B 380 -14.69 42.09 -2.70
C ASN B 380 -16.03 41.73 -2.06
N LEU B 381 -15.98 41.24 -0.83
CA LEU B 381 -17.17 40.78 -0.13
C LEU B 381 -17.29 41.48 1.22
N THR B 382 -18.52 41.58 1.71
CA THR B 382 -18.77 42.14 3.04
C THR B 382 -20.03 41.47 3.57
N ILE B 383 -19.86 40.44 4.40
CA ILE B 383 -20.97 39.71 4.99
C ILE B 383 -21.31 40.37 6.32
N PRO B 384 -22.51 40.92 6.50
CA PRO B 384 -22.85 41.55 7.77
C PRO B 384 -22.85 40.54 8.91
N LYS B 385 -22.54 41.03 10.10
CA LYS B 385 -22.45 40.16 11.28
C LYS B 385 -23.82 39.58 11.60
N GLY B 386 -23.83 38.27 11.86
CA GLY B 386 -25.05 37.60 12.28
C GLY B 386 -26.16 37.63 11.25
N LYS B 387 -25.83 37.41 9.99
CA LYS B 387 -26.82 37.36 8.92
C LYS B 387 -26.62 36.09 8.12
N THR B 388 -27.54 35.85 7.19
CA THR B 388 -27.46 34.71 6.28
C THR B 388 -27.29 35.24 4.86
N VAL B 389 -26.23 34.80 4.19
CA VAL B 389 -25.90 35.26 2.85
C VAL B 389 -25.87 34.07 1.91
N ALA B 390 -25.85 34.36 0.62
CA ALA B 390 -25.93 33.33 -0.41
C ALA B 390 -24.85 33.53 -1.45
N ILE B 391 -24.26 32.42 -1.88
CA ILE B 391 -23.30 32.40 -2.98
C ILE B 391 -23.89 31.51 -4.06
N VAL B 392 -24.13 32.07 -5.24
CA VAL B 392 -24.75 31.36 -6.34
C VAL B 392 -23.89 31.52 -7.58
N GLY B 393 -23.98 30.54 -8.48
CA GLY B 393 -23.24 30.60 -9.72
C GLY B 393 -23.22 29.25 -10.39
N GLU B 394 -22.65 29.22 -11.58
CA GLU B 394 -22.53 27.99 -12.33
C GLU B 394 -21.46 27.10 -11.71
N SER B 395 -21.43 25.85 -12.18
CA SER B 395 -20.46 24.89 -11.68
C SER B 395 -19.04 25.37 -11.99
N GLY B 396 -18.13 25.16 -11.05
CA GLY B 396 -16.75 25.54 -11.25
C GLY B 396 -16.49 27.03 -11.23
N SER B 397 -17.33 27.80 -10.55
CA SER B 397 -17.16 29.24 -10.48
C SER B 397 -16.41 29.70 -9.23
N GLY B 398 -15.93 28.78 -8.40
CA GLY B 398 -15.10 29.14 -7.27
C GLY B 398 -15.80 29.27 -5.94
N LYS B 399 -17.06 28.85 -5.83
CA LYS B 399 -17.77 28.97 -4.56
C LYS B 399 -17.12 28.13 -3.48
N THR B 400 -16.89 26.84 -3.77
CA THR B 400 -16.17 25.99 -2.84
C THR B 400 -14.78 26.53 -2.55
N THR B 401 -14.14 27.15 -3.55
CA THR B 401 -12.85 27.80 -3.33
C THR B 401 -12.98 28.96 -2.36
N LEU B 402 -14.05 29.74 -2.47
CA LEU B 402 -14.28 30.80 -1.49
C LEU B 402 -14.44 30.24 -0.09
N ALA B 403 -15.19 29.15 0.05
CA ALA B 403 -15.36 28.54 1.36
C ALA B 403 -14.02 28.08 1.92
N LYS B 404 -13.21 27.43 1.08
CA LYS B 404 -11.91 26.95 1.54
C LYS B 404 -11.00 28.11 1.93
N LEU B 405 -11.03 29.20 1.17
CA LEU B 405 -10.25 30.38 1.52
C LEU B 405 -10.69 30.95 2.86
N LEU B 406 -12.00 31.02 3.10
CA LEU B 406 -12.49 31.50 4.38
C LEU B 406 -12.07 30.58 5.51
N MET B 407 -11.96 29.29 5.23
CA MET B 407 -11.52 28.32 6.24
C MET B 407 -10.01 28.11 6.23
N ASN B 408 -9.30 28.78 5.33
CA ASN B 408 -7.84 28.86 5.36
C ASN B 408 -7.18 27.51 5.07
N PHE B 409 -7.80 26.70 4.21
CA PHE B 409 -7.07 25.57 3.63
C PHE B 409 -5.96 26.05 2.73
N TYR B 410 -6.22 27.10 1.94
CA TYR B 410 -5.25 27.68 1.04
C TYR B 410 -5.10 29.16 1.35
N SER B 411 -3.90 29.68 1.15
CA SER B 411 -3.82 31.11 1.44
C SER B 411 -4.06 31.92 0.17
N PRO B 412 -4.70 33.07 0.28
CA PRO B 412 -4.91 33.90 -0.91
C PRO B 412 -3.59 34.35 -1.50
N GLU B 413 -3.52 34.38 -2.83
CA GLU B 413 -2.32 34.86 -3.50
C GLU B 413 -2.14 36.36 -3.30
N LYS B 414 -3.23 37.11 -3.43
CA LYS B 414 -3.19 38.56 -3.26
C LYS B 414 -4.39 38.99 -2.43
N GLY B 415 -4.25 40.12 -1.76
CA GLY B 415 -5.31 40.60 -0.89
C GLY B 415 -5.29 39.88 0.45
N ASP B 416 -6.42 39.99 1.16
CA ASP B 416 -6.52 39.42 2.49
C ASP B 416 -7.99 39.22 2.83
N ILE B 417 -8.23 38.37 3.83
CA ILE B 417 -9.57 38.10 4.35
C ILE B 417 -9.61 38.59 5.78
N LEU B 418 -10.55 39.48 6.08
CA LEU B 418 -10.65 40.11 7.39
C LEU B 418 -11.90 39.65 8.12
N ILE B 419 -11.75 39.35 9.40
CA ILE B 419 -12.86 39.01 10.28
C ILE B 419 -12.89 40.01 11.41
N ASN B 420 -13.97 40.78 11.49
CA ASN B 420 -14.11 41.84 12.49
C ASN B 420 -12.93 42.81 12.43
N GLY B 421 -12.50 43.12 11.22
CA GLY B 421 -11.39 44.04 11.03
C GLY B 421 -10.02 43.48 11.35
N HIS B 422 -9.91 42.16 11.51
CA HIS B 422 -8.63 41.53 11.82
C HIS B 422 -8.32 40.51 10.74
N SER B 423 -7.07 40.48 10.29
CA SER B 423 -6.67 39.57 9.23
C SER B 423 -6.79 38.12 9.69
N ILE B 424 -7.25 37.25 8.79
CA ILE B 424 -7.35 35.84 9.09
C ILE B 424 -5.97 35.23 9.34
N LYS B 425 -4.92 35.85 8.80
CA LYS B 425 -3.58 35.34 9.05
C LYS B 425 -3.18 35.49 10.51
N ASN B 426 -3.69 36.52 11.18
CA ASN B 426 -3.31 36.82 12.56
C ASN B 426 -4.22 36.14 13.58
N ILE B 427 -4.87 35.05 13.22
CA ILE B 427 -5.73 34.29 14.11
C ILE B 427 -5.20 32.87 14.21
N SER B 428 -5.19 32.34 15.42
CA SER B 428 -4.71 30.98 15.63
C SER B 428 -5.51 29.99 14.80
N LEU B 429 -4.80 29.01 14.23
CA LEU B 429 -5.45 28.07 13.32
C LEU B 429 -6.52 27.25 14.03
N GLU B 430 -6.26 26.86 15.28
CA GLU B 430 -7.22 26.03 16.01
C GLU B 430 -8.55 26.75 16.17
N LEU B 431 -8.51 28.03 16.53
CA LEU B 431 -9.74 28.78 16.74
C LEU B 431 -10.55 28.85 15.44
N ILE B 432 -9.89 29.08 14.32
CA ILE B 432 -10.58 29.17 13.04
C ILE B 432 -11.26 27.86 12.69
N ARG B 433 -10.54 26.75 12.88
CA ARG B 433 -11.10 25.44 12.54
C ARG B 433 -12.10 24.93 13.57
N LYS B 434 -12.19 25.56 14.74
CA LYS B 434 -13.19 25.17 15.73
C LYS B 434 -14.44 26.02 15.69
N LYS B 435 -14.34 27.29 15.30
CA LYS B 435 -15.49 28.16 15.26
C LYS B 435 -16.19 28.19 13.91
N ILE B 436 -15.69 27.46 12.91
CA ILE B 436 -16.26 27.45 11.57
C ILE B 436 -16.59 26.01 11.20
N ALA B 437 -17.82 25.78 10.76
CA ALA B 437 -18.29 24.46 10.40
C ALA B 437 -18.50 24.36 8.90
N PHE B 438 -18.14 23.22 8.33
CA PHE B 438 -18.21 23.01 6.89
C PHE B 438 -19.04 21.78 6.58
N VAL B 439 -19.98 21.93 5.65
CA VAL B 439 -20.70 20.79 5.11
C VAL B 439 -20.38 20.72 3.64
N SER B 440 -19.36 19.93 3.28
CA SER B 440 -18.83 19.95 1.92
C SER B 440 -19.85 19.36 0.95
N GLN B 441 -19.52 19.48 -0.34
CA GLN B 441 -20.40 18.96 -1.39
C GLN B 441 -20.62 17.46 -1.21
N ASP B 442 -19.56 16.74 -0.88
CA ASP B 442 -19.66 15.34 -0.49
C ASP B 442 -19.55 15.23 1.03
N VAL B 443 -19.85 14.05 1.53
CA VAL B 443 -19.78 13.76 2.96
C VAL B 443 -18.91 12.53 3.16
N PHE B 444 -17.97 12.61 4.09
CA PHE B 444 -17.06 11.51 4.39
C PHE B 444 -17.42 10.91 5.74
N ILE B 445 -17.61 9.60 5.76
CA ILE B 445 -17.98 8.87 6.96
C ILE B 445 -16.86 7.90 7.30
N PHE B 446 -16.35 7.99 8.52
CA PHE B 446 -15.26 7.16 8.97
C PHE B 446 -15.79 5.89 9.61
N SER B 447 -15.05 4.79 9.46
CA SER B 447 -15.46 3.50 9.99
C SER B 447 -15.57 3.54 11.50
N GLY B 448 -16.77 3.33 12.02
CA GLY B 448 -16.99 3.36 13.45
C GLY B 448 -18.47 3.53 13.74
N THR B 449 -18.77 3.66 15.03
CA THR B 449 -20.14 3.87 15.44
C THR B 449 -20.63 5.26 15.03
N VAL B 450 -21.94 5.38 14.85
CA VAL B 450 -22.50 6.67 14.46
C VAL B 450 -22.25 7.72 15.53
N LYS B 451 -22.26 7.30 16.80
CA LYS B 451 -21.88 8.20 17.88
C LYS B 451 -20.48 8.77 17.64
N GLU B 452 -19.54 7.91 17.23
CA GLU B 452 -18.19 8.39 16.95
C GLU B 452 -18.17 9.37 15.78
N ASN B 453 -18.90 9.06 14.71
CA ASN B 453 -18.90 9.92 13.53
C ASN B 453 -19.49 11.29 13.85
N LEU B 454 -20.60 11.31 14.58
CA LEU B 454 -21.20 12.58 14.97
C LEU B 454 -20.26 13.38 15.86
N ALA B 455 -19.64 12.73 16.83
CA ALA B 455 -18.72 13.41 17.74
C ALA B 455 -17.28 13.31 17.23
N LEU B 456 -17.07 13.73 15.99
CA LEU B 456 -15.74 13.71 15.40
C LEU B 456 -14.95 14.93 15.86
N GLY B 457 -13.75 14.70 16.34
CA GLY B 457 -12.91 15.81 16.79
C GLY B 457 -13.26 16.39 18.14
N ASN B 458 -14.54 16.63 18.40
CA ASN B 458 -14.95 17.18 19.68
C ASN B 458 -14.70 16.19 20.80
N GLU B 459 -15.29 14.99 20.70
CA GLU B 459 -15.19 13.95 21.72
C GLU B 459 -15.73 14.44 23.06
N ASN B 460 -15.67 13.58 24.07
CA ASN B 460 -16.00 13.88 25.47
C ASN B 460 -17.15 14.87 25.59
N VAL B 461 -18.21 14.60 24.85
CA VAL B 461 -19.39 15.47 24.78
C VAL B 461 -20.60 14.69 25.28
N ASP B 462 -21.51 15.39 25.95
CA ASP B 462 -22.68 14.76 26.52
C ASP B 462 -23.58 14.19 25.43
N MET B 463 -24.19 13.04 25.72
CA MET B 463 -25.14 12.45 24.77
C MET B 463 -26.37 13.32 24.61
N ASP B 464 -26.70 14.13 25.62
CA ASP B 464 -27.79 15.07 25.48
C ASP B 464 -27.54 16.06 24.35
N GLU B 465 -26.29 16.52 24.22
CA GLU B 465 -25.95 17.44 23.14
C GLU B 465 -26.04 16.75 21.78
N ILE B 466 -25.54 15.51 21.69
CA ILE B 466 -25.52 14.81 20.40
C ILE B 466 -26.94 14.54 19.93
N ILE B 467 -27.80 14.07 20.82
CA ILE B 467 -29.18 13.79 20.42
C ILE B 467 -29.90 15.08 20.07
N LYS B 468 -29.58 16.17 20.78
CA LYS B 468 -30.19 17.46 20.44
C LYS B 468 -29.78 17.90 19.04
N ALA B 469 -28.50 17.74 18.70
CA ALA B 469 -28.05 18.09 17.36
C ALA B 469 -28.70 17.22 16.31
N ALA B 470 -28.81 15.91 16.57
CA ALA B 470 -29.42 15.00 15.61
C ALA B 470 -30.89 15.34 15.41
N LYS B 471 -31.60 15.70 16.48
CA LYS B 471 -32.98 16.12 16.35
C LYS B 471 -33.07 17.43 15.56
N MET B 472 -32.12 18.33 15.78
CA MET B 472 -32.13 19.62 15.09
C MET B 472 -31.96 19.44 13.60
N ALA B 473 -31.17 18.45 13.19
CA ALA B 473 -30.91 18.18 11.78
C ALA B 473 -31.88 17.16 11.18
N ASN B 474 -32.95 16.82 11.90
CA ASN B 474 -33.93 15.84 11.46
C ASN B 474 -33.26 14.51 11.13
N ALA B 475 -32.27 14.13 11.95
CA ALA B 475 -31.58 12.86 11.79
C ALA B 475 -31.86 11.87 12.90
N HIS B 476 -32.48 12.31 14.00
CA HIS B 476 -32.74 11.42 15.12
C HIS B 476 -33.73 10.31 14.76
N ASP B 477 -34.52 10.49 13.71
CA ASP B 477 -35.57 9.51 13.40
C ASP B 477 -34.98 8.29 12.70
N PHE B 478 -34.30 8.51 11.57
CA PHE B 478 -33.80 7.38 10.81
C PHE B 478 -32.72 6.62 11.56
N ILE B 479 -31.95 7.31 12.41
CA ILE B 479 -30.97 6.62 13.24
C ILE B 479 -31.65 5.77 14.29
N GLU B 480 -32.85 6.17 14.71
CA GLU B 480 -33.56 5.41 15.74
C GLU B 480 -34.07 4.09 15.17
N LYS B 481 -34.50 4.10 13.90
CA LYS B 481 -35.04 2.89 13.30
C LYS B 481 -33.99 1.80 13.17
N LEU B 482 -32.78 2.16 12.75
CA LEU B 482 -31.73 1.18 12.54
C LEU B 482 -31.28 0.58 13.87
N PRO B 483 -30.77 -0.65 13.85
CA PRO B 483 -30.41 -1.32 15.10
C PRO B 483 -29.25 -0.63 15.81
N LEU B 484 -29.18 -0.85 17.12
CA LEU B 484 -28.15 -0.38 18.03
C LEU B 484 -28.21 1.12 18.31
N LYS B 485 -29.18 1.83 17.74
CA LYS B 485 -29.37 3.27 17.96
C LYS B 485 -28.06 3.97 17.59
N TYR B 486 -27.50 4.81 18.45
CA TYR B 486 -26.26 5.51 18.13
C TYR B 486 -25.06 4.61 18.38
N ASP B 487 -25.12 3.37 17.90
CA ASP B 487 -24.00 2.46 18.07
C ASP B 487 -23.76 1.54 16.90
N THR B 488 -24.52 1.65 15.80
CA THR B 488 -24.33 0.75 14.69
C THR B 488 -22.99 1.02 14.03
N PHE B 489 -22.39 -0.04 13.47
CA PHE B 489 -21.11 0.10 12.81
C PHE B 489 -21.32 0.53 11.37
N LEU B 490 -20.45 1.41 10.89
CA LEU B 490 -20.51 1.91 9.53
C LEU B 490 -19.23 1.55 8.79
N ASN B 491 -19.38 1.08 7.56
CA ASN B 491 -18.22 0.75 6.76
C ASN B 491 -17.49 2.02 6.31
N GLU B 492 -16.30 1.84 5.76
CA GLU B 492 -15.55 2.96 5.20
C GLU B 492 -16.36 3.64 4.13
N SER B 493 -16.74 4.90 4.39
CA SER B 493 -17.71 5.62 3.58
C SER B 493 -18.98 4.80 3.44
N GLY B 494 -19.63 4.59 4.58
CA GLY B 494 -20.73 3.64 4.72
C GLY B 494 -21.78 3.70 3.64
N ALA B 495 -21.87 2.65 2.83
CA ALA B 495 -22.87 2.57 1.78
C ALA B 495 -24.22 2.09 2.28
N ASN B 496 -24.29 1.57 3.50
CA ASN B 496 -25.57 1.20 4.09
C ASN B 496 -26.41 2.41 4.46
N LEU B 497 -25.84 3.61 4.41
CA LEU B 497 -26.59 4.84 4.62
C LEU B 497 -26.88 5.48 3.27
N SER B 498 -28.10 5.95 3.09
CA SER B 498 -28.47 6.60 1.84
C SER B 498 -27.72 7.93 1.69
N GLU B 499 -27.74 8.46 0.48
CA GLU B 499 -27.09 9.73 0.22
C GLU B 499 -27.70 10.85 1.06
N GLY B 500 -29.03 10.87 1.16
CA GLY B 500 -29.67 11.87 2.00
C GLY B 500 -29.36 11.67 3.48
N GLN B 501 -29.25 10.42 3.91
CA GLN B 501 -28.95 10.15 5.31
C GLN B 501 -27.57 10.66 5.69
N LYS B 502 -26.58 10.39 4.84
CA LYS B 502 -25.23 10.88 5.12
C LYS B 502 -25.18 12.40 5.16
N GLN B 503 -25.88 13.04 4.24
CA GLN B 503 -25.88 14.50 4.21
C GLN B 503 -26.57 15.08 5.43
N ARG B 504 -27.45 14.31 6.07
CA ARG B 504 -28.07 14.78 7.31
C ARG B 504 -27.10 14.66 8.47
N LEU B 505 -26.25 13.64 8.47
CA LEU B 505 -25.26 13.50 9.53
C LEU B 505 -24.28 14.67 9.51
N ALA B 506 -23.86 15.09 8.31
CA ALA B 506 -22.90 16.19 8.22
C ALA B 506 -23.47 17.47 8.79
N ILE B 507 -24.75 17.75 8.51
CA ILE B 507 -25.38 18.93 9.10
C ILE B 507 -25.44 18.81 10.60
N ALA B 508 -25.82 17.63 11.10
CA ALA B 508 -25.84 17.42 12.54
C ALA B 508 -24.44 17.55 13.14
N ARG B 509 -23.44 17.01 12.45
CA ARG B 509 -22.07 17.11 12.94
C ARG B 509 -21.62 18.56 13.00
N ALA B 510 -21.99 19.37 12.00
CA ALA B 510 -21.60 20.77 12.00
C ALA B 510 -22.25 21.52 13.15
N LEU B 511 -23.55 21.31 13.36
CA LEU B 511 -24.24 22.00 14.45
C LEU B 511 -23.79 21.50 15.82
N LEU B 512 -23.20 20.31 15.89
CA LEU B 512 -22.80 19.76 17.18
C LEU B 512 -21.74 20.62 17.85
N LYS B 513 -20.86 21.23 17.08
CA LYS B 513 -19.78 22.03 17.63
C LYS B 513 -20.20 23.47 17.94
N LYS B 514 -21.46 23.81 17.70
CA LYS B 514 -21.97 25.15 17.94
C LYS B 514 -21.08 26.20 17.26
N PRO B 515 -20.99 26.17 15.94
CA PRO B 515 -20.01 27.01 15.25
C PRO B 515 -20.37 28.48 15.32
N ASP B 516 -19.33 29.32 15.25
CA ASP B 516 -19.55 30.75 15.16
C ASP B 516 -19.92 31.18 13.74
N ILE B 517 -19.37 30.50 12.74
CA ILE B 517 -19.70 30.73 11.33
C ILE B 517 -20.05 29.39 10.70
N LEU B 518 -21.20 29.31 10.05
CA LEU B 518 -21.68 28.07 9.46
C LEU B 518 -21.70 28.19 7.95
N ILE B 519 -21.06 27.24 7.28
CA ILE B 519 -20.97 27.22 5.82
C ILE B 519 -21.65 25.94 5.33
N LEU B 520 -22.64 26.11 4.46
CA LEU B 520 -23.38 24.99 3.88
C LEU B 520 -23.09 24.96 2.39
N ASP B 521 -22.31 23.96 1.97
CA ASP B 521 -21.91 23.82 0.57
C ASP B 521 -22.75 22.71 -0.06
N GLU B 522 -23.82 23.11 -0.76
CA GLU B 522 -24.76 22.17 -1.36
C GLU B 522 -25.32 21.21 -0.30
N ALA B 523 -25.61 21.74 0.89
CA ALA B 523 -26.06 20.90 1.98
C ALA B 523 -27.53 20.54 1.87
N THR B 524 -28.29 21.17 0.97
CA THR B 524 -29.70 20.89 0.79
C THR B 524 -29.98 20.34 -0.60
N SER B 525 -29.12 19.45 -1.08
CA SER B 525 -29.23 18.95 -2.44
C SER B 525 -29.96 17.62 -2.55
N ASN B 526 -29.96 16.80 -1.51
CA ASN B 526 -30.55 15.46 -1.57
C ASN B 526 -31.51 15.26 -0.41
N LEU B 527 -32.36 16.24 -0.15
CA LEU B 527 -33.31 16.18 0.94
C LEU B 527 -34.67 16.64 0.46
N ASP B 528 -35.72 16.02 0.99
CA ASP B 528 -37.07 16.34 0.58
C ASP B 528 -37.50 17.67 1.19
N SER B 529 -38.72 18.10 0.84
CA SER B 529 -39.20 19.40 1.28
C SER B 529 -39.33 19.47 2.80
N ILE B 530 -39.79 18.39 3.43
CA ILE B 530 -39.99 18.40 4.87
C ILE B 530 -38.68 18.61 5.60
N THR B 531 -37.65 17.83 5.23
CA THR B 531 -36.36 17.96 5.89
C THR B 531 -35.72 19.31 5.58
N GLU B 532 -35.89 19.82 4.36
CA GLU B 532 -35.36 21.12 4.02
C GLU B 532 -36.00 22.21 4.89
N ASN B 533 -37.32 22.15 5.07
CA ASN B 533 -37.99 23.13 5.92
C ASN B 533 -37.54 23.00 7.37
N HIS B 534 -37.38 21.77 7.84
CA HIS B 534 -36.91 21.56 9.21
C HIS B 534 -35.52 22.15 9.41
N ILE B 535 -34.62 21.93 8.45
CA ILE B 535 -33.27 22.45 8.56
C ILE B 535 -33.28 23.97 8.48
N LYS B 536 -34.14 24.53 7.63
CA LYS B 536 -34.24 25.99 7.55
C LYS B 536 -34.72 26.58 8.87
N ASP B 537 -35.74 25.96 9.47
CA ASP B 537 -36.24 26.44 10.75
C ASP B 537 -35.16 26.34 11.83
N ALA B 538 -34.39 25.26 11.82
CA ALA B 538 -33.27 25.16 12.75
C ALA B 538 -32.25 26.24 12.50
N ILE B 539 -31.96 26.53 11.22
CA ILE B 539 -30.97 27.52 10.85
C ILE B 539 -31.35 28.90 11.34
N TYR B 540 -32.63 29.26 11.19
CA TYR B 540 -33.04 30.61 11.56
C TYR B 540 -32.97 30.88 13.05
N GLY B 541 -32.75 29.85 13.87
CA GLY B 541 -32.80 30.05 15.31
C GLY B 541 -31.76 29.32 16.16
N LEU B 542 -30.54 29.14 15.66
CA LEU B 542 -29.54 28.46 16.48
C LEU B 542 -29.27 29.21 17.77
N GLU B 543 -28.62 30.37 17.65
CA GLU B 543 -28.28 31.20 18.79
C GLU B 543 -28.40 32.69 18.49
N ASP B 544 -28.87 33.08 17.31
CA ASP B 544 -28.83 34.46 16.82
C ASP B 544 -27.39 34.93 16.68
N ASP B 545 -27.20 36.08 16.04
CA ASP B 545 -25.89 36.69 15.80
C ASP B 545 -24.84 35.69 15.37
N VAL B 546 -25.25 34.71 14.56
CA VAL B 546 -24.34 33.69 14.03
C VAL B 546 -24.38 33.81 12.52
N THR B 547 -23.21 33.99 11.91
CA THR B 547 -23.13 34.17 10.47
C THR B 547 -23.28 32.84 9.75
N VAL B 548 -24.21 32.78 8.81
CA VAL B 548 -24.48 31.57 8.03
C VAL B 548 -24.27 31.87 6.56
N ILE B 549 -23.42 31.09 5.91
CA ILE B 549 -23.14 31.23 4.49
C ILE B 549 -23.67 29.99 3.80
N ILE B 550 -24.63 30.17 2.89
CA ILE B 550 -25.26 29.07 2.18
C ILE B 550 -24.83 29.15 0.72
N ILE B 551 -24.19 28.09 0.23
CA ILE B 551 -23.80 27.97 -1.17
C ILE B 551 -24.73 26.95 -1.80
N ALA B 552 -25.49 27.38 -2.80
CA ALA B 552 -26.51 26.52 -3.38
C ALA B 552 -26.63 26.79 -4.86
N HIS B 553 -27.17 25.80 -5.57
CA HIS B 553 -27.46 25.93 -7.00
C HIS B 553 -28.94 26.11 -7.29
N ARG B 554 -29.82 25.53 -6.46
CA ARG B 554 -31.26 25.71 -6.61
C ARG B 554 -31.62 27.08 -6.07
N LEU B 555 -31.87 28.02 -6.98
CA LEU B 555 -32.16 29.39 -6.57
C LEU B 555 -33.48 29.49 -5.83
N SER B 556 -34.40 28.55 -6.05
CA SER B 556 -35.72 28.62 -5.44
C SER B 556 -35.64 28.54 -3.92
N THR B 557 -34.75 27.70 -3.41
CA THR B 557 -34.61 27.50 -1.97
C THR B 557 -33.95 28.68 -1.28
N ILE B 558 -33.43 29.65 -2.03
CA ILE B 558 -32.53 30.65 -1.46
C ILE B 558 -33.15 32.02 -1.70
N VAL B 559 -34.48 32.10 -1.66
CA VAL B 559 -35.18 33.33 -1.98
C VAL B 559 -35.54 34.14 -0.75
N ASN B 560 -35.07 33.73 0.43
CA ASN B 560 -35.46 34.36 1.69
C ASN B 560 -34.24 34.61 2.56
N LEU B 561 -33.19 35.20 1.97
CA LEU B 561 -31.96 35.48 2.68
C LEU B 561 -31.70 36.97 2.70
N ASP B 562 -30.73 37.38 3.53
CA ASP B 562 -30.42 38.80 3.67
C ASP B 562 -29.82 39.37 2.40
N LYS B 563 -28.68 38.81 1.98
CA LYS B 563 -28.01 39.26 0.76
C LYS B 563 -27.60 38.04 -0.05
N ILE B 564 -27.55 38.21 -1.37
CA ILE B 564 -27.15 37.17 -2.30
C ILE B 564 -26.04 37.70 -3.17
N TYR B 565 -24.98 36.90 -3.34
CA TYR B 565 -23.86 37.23 -4.20
C TYR B 565 -23.80 36.23 -5.34
N LEU B 566 -23.64 36.73 -6.56
CA LEU B 566 -23.59 35.89 -7.76
C LEU B 566 -22.17 35.86 -8.29
N LEU B 567 -21.63 34.66 -8.47
CA LEU B 567 -20.28 34.47 -8.97
C LEU B 567 -20.34 34.15 -10.46
N LYS B 568 -19.58 34.89 -11.25
CA LYS B 568 -19.51 34.69 -12.70
C LYS B 568 -18.05 34.54 -13.09
N ASP B 569 -17.57 33.29 -13.10
CA ASP B 569 -16.20 32.96 -13.46
C ASP B 569 -15.20 33.72 -12.58
N GLY B 570 -15.28 33.45 -11.29
CA GLY B 570 -14.36 34.02 -10.33
C GLY B 570 -14.42 35.52 -10.16
N GLU B 571 -15.62 36.10 -10.26
CA GLU B 571 -15.80 37.52 -10.05
C GLU B 571 -17.27 37.84 -9.79
N ILE B 572 -17.55 38.53 -8.69
CA ILE B 572 -18.93 38.91 -8.39
C ILE B 572 -19.40 39.93 -9.40
N VAL B 573 -20.66 39.82 -9.82
CA VAL B 573 -21.22 40.70 -10.82
C VAL B 573 -22.36 41.54 -10.25
N GLU B 574 -23.17 40.97 -9.36
CA GLU B 574 -24.27 41.70 -8.76
C GLU B 574 -24.56 41.13 -7.39
N SER B 575 -24.94 42.00 -6.47
CA SER B 575 -25.17 41.63 -5.08
C SER B 575 -26.44 42.30 -4.58
N GLY B 576 -27.02 41.70 -3.55
CA GLY B 576 -28.24 42.22 -2.95
C GLY B 576 -29.22 41.13 -2.59
N SER B 577 -30.40 41.50 -2.11
CA SER B 577 -31.39 40.49 -1.78
C SER B 577 -32.10 40.01 -3.04
N HIS B 578 -32.97 39.01 -2.85
CA HIS B 578 -33.66 38.40 -3.99
C HIS B 578 -34.60 39.39 -4.65
N THR B 579 -35.19 40.31 -3.88
CA THR B 579 -36.20 41.20 -4.42
C THR B 579 -35.63 42.15 -5.47
N GLU B 580 -34.52 42.81 -5.15
CA GLU B 580 -33.95 43.76 -6.10
C GLU B 580 -33.13 43.08 -7.18
N LEU B 581 -32.63 41.87 -6.91
CA LEU B 581 -31.85 41.17 -7.92
C LEU B 581 -32.70 40.79 -9.13
N ILE B 582 -33.95 40.41 -8.89
CA ILE B 582 -34.86 40.17 -10.01
C ILE B 582 -35.41 41.50 -10.54
N ALA B 583 -35.46 42.51 -9.68
CA ALA B 583 -35.97 43.82 -10.11
C ALA B 583 -35.09 44.41 -11.20
N LEU B 584 -33.77 44.33 -11.04
CA LEU B 584 -32.86 44.71 -12.09
C LEU B 584 -32.63 43.51 -13.00
N LYS B 585 -32.75 43.72 -14.31
CA LYS B 585 -32.64 42.63 -15.25
C LYS B 585 -31.17 42.37 -15.57
N GLY B 586 -30.73 41.13 -15.35
CA GLY B 586 -29.34 40.78 -15.57
C GLY B 586 -29.09 39.29 -15.51
N ALA B 587 -27.87 38.91 -15.11
CA ALA B 587 -27.53 37.50 -15.07
C ALA B 587 -28.40 36.74 -14.07
N TYR B 588 -28.65 37.34 -12.91
CA TYR B 588 -29.50 36.69 -11.91
C TYR B 588 -30.92 36.52 -12.43
N PHE B 589 -31.45 37.53 -13.13
CA PHE B 589 -32.80 37.41 -13.66
C PHE B 589 -32.89 36.30 -14.70
N LYS B 590 -31.89 36.20 -15.57
CA LYS B 590 -31.87 35.12 -16.55
C LYS B 590 -31.77 33.77 -15.87
N MET B 591 -30.92 33.65 -14.85
CA MET B 591 -30.79 32.39 -14.14
C MET B 591 -32.09 31.99 -13.47
N TRP B 592 -32.77 32.95 -12.84
CA TRP B 592 -34.03 32.66 -12.17
C TRP B 592 -35.12 32.27 -13.16
N LYS B 593 -35.20 32.98 -14.28
CA LYS B 593 -36.24 32.69 -15.27
C LYS B 593 -36.02 31.32 -15.91
N GLN B 594 -34.79 31.02 -16.30
CA GLN B 594 -34.51 29.76 -16.98
C GLN B 594 -34.70 28.58 -16.05
N THR B 595 -34.17 28.67 -14.83
CA THR B 595 -34.25 27.55 -13.90
C THR B 595 -35.68 27.29 -13.43
N GLU B 596 -36.47 28.34 -13.24
CA GLU B 596 -37.88 28.18 -12.90
C GLU B 596 -38.76 28.65 -14.06
PB ADP C . -30.48 6.57 -5.01
O1B ADP C . -30.77 5.76 -6.26
O2B ADP C . -31.50 7.65 -4.73
O3B ADP C . -29.04 6.99 -4.86
PA ADP C . -29.79 4.19 -3.77
O1A ADP C . -30.13 3.33 -4.96
O2A ADP C . -28.36 4.58 -3.52
O3A ADP C . -30.70 5.52 -3.83
O5' ADP C . -30.33 3.43 -2.45
C5' ADP C . -30.02 2.07 -2.29
C4' ADP C . -30.19 1.65 -0.84
O4' ADP C . -29.43 0.47 -0.63
C3' ADP C . -29.66 2.72 0.09
O3' ADP C . -30.64 2.99 1.09
C2' ADP C . -28.43 2.14 0.74
O2' ADP C . -28.56 2.22 2.16
C1' ADP C . -28.39 0.68 0.32
N9 ADP C . -27.08 0.41 -0.32
C8 ADP C . -26.67 0.95 -1.48
N7 ADP C . -25.43 0.52 -1.81
C5 ADP C . -25.04 -0.33 -0.85
C6 ADP C . -23.84 -1.15 -0.58
N6 ADP C . -22.79 -1.15 -1.43
N1 ADP C . -23.83 -1.90 0.55
C2 ADP C . -24.87 -1.91 1.40
N3 ADP C . -25.99 -1.19 1.22
C4 ADP C . -26.13 -0.39 0.13
MG MG D . -28.58 7.27 -6.69
PB ADP E . -17.41 25.40 -7.61
O1B ADP E . -16.82 26.64 -8.23
O2B ADP E . -18.55 24.80 -8.40
O3B ADP E . -17.68 25.50 -6.13
PA ADP E . -14.79 24.58 -7.09
O1A ADP E . -14.34 23.30 -6.44
O2A ADP E . -14.85 25.86 -6.28
O3A ADP E . -16.24 24.30 -7.73
O5' ADP E . -13.83 24.84 -8.36
C5' ADP E . -13.73 26.11 -8.98
C4' ADP E . -12.56 26.05 -9.95
O4' ADP E . -11.35 25.81 -9.23
C3' ADP E . -12.73 24.91 -10.93
O3' ADP E . -12.78 25.42 -12.26
C2' ADP E . -11.51 24.04 -10.78
O2' ADP E . -10.90 23.83 -12.05
C1' ADP E . -10.58 24.80 -9.87
N9 ADP E . -10.01 23.89 -8.85
C8 ADP E . -10.60 23.55 -7.70
N7 ADP E . -9.82 22.70 -6.98
C5 ADP E . -8.70 22.49 -7.69
C6 ADP E . -7.46 21.71 -7.51
N6 ADP E . -7.27 20.96 -6.40
N1 ADP E . -6.53 21.77 -8.49
C2 ADP E . -6.71 22.51 -9.59
N3 ADP E . -7.81 23.25 -9.82
C4 ADP E . -8.83 23.28 -8.93
MG MG F . -18.07 23.58 -6.29
#